data_7BYA
#
_entry.id   7BYA
#
_cell.length_a   83.327
_cell.length_b   103.220
_cell.length_c   150.790
_cell.angle_alpha   90.000
_cell.angle_beta   90.000
_cell.angle_gamma   90.000
#
_symmetry.space_group_name_H-M   'P 21 21 21'
#
loop_
_entity.id
_entity.type
_entity.pdbx_description
1 polymer 'Malate dehydrogenase'
2 non-polymer ADENOSINE-5-DIPHOSPHORIBOSE
3 non-polymer 'OXALOACETATE ION'
4 water water
#
_entity_poly.entity_id   1
_entity_poly.type   'polypeptide(L)'
_entity_poly.pdbx_seq_one_letter_code
;MGSSHHHHHHSSGLVPRGSHMAMKRKKISVIGAGFTGATTAFLLAQKELGDVVLVDIPQLENPTKGKALDMLEASPVLGF
DANIIGTSDYADTADSDIVVITAGIARKPGMSRDDLVTTNQKIMKQVTKEVVKYSPNCYIIVLTNPVDAMTYTVFKESGF
PKNRVIGQSGVLDTARFRTFVAEELNISVKDVTGFVLGGHGDDMVPLVRYSYAGGIPLEKLIPKDRLDAIVERTRKGGGE
IVNLLGNGSAYYAPAASLVEMVEAILKDQRRILPAIAYLEGEYGYEGIYLGVPTILGGNGIEKVIELELTEEEKAALAKS
VESVKNVMRMLE
;
_entity_poly.pdbx_strand_id   A,B,C,D
#
# COMPACT_ATOMS: atom_id res chain seq x y z
N ALA A 22 16.25 -21.51 4.01
CA ALA A 22 16.20 -20.01 4.19
C ALA A 22 15.14 -19.42 3.26
N MET A 23 14.36 -18.45 3.77
CA MET A 23 13.40 -17.65 2.96
C MET A 23 14.23 -16.84 1.97
N LYS A 24 13.93 -16.88 0.68
CA LYS A 24 14.65 -16.10 -0.35
C LYS A 24 13.63 -15.32 -1.19
N ARG A 25 14.02 -14.13 -1.62
CA ARG A 25 13.16 -13.30 -2.48
C ARG A 25 12.87 -14.05 -3.77
N LYS A 26 11.68 -13.82 -4.31
CA LYS A 26 11.36 -14.08 -5.74
C LYS A 26 12.37 -13.30 -6.58
N LYS A 27 12.63 -13.79 -7.78
CA LYS A 27 13.56 -13.12 -8.71
C LYS A 27 12.83 -12.97 -10.04
N ILE A 28 12.77 -11.75 -10.53
CA ILE A 28 12.07 -11.43 -11.81
C ILE A 28 13.11 -10.87 -12.76
N SER A 29 13.17 -11.43 -13.97
CA SER A 29 13.99 -10.83 -15.05
C SER A 29 13.03 -10.15 -16.01
N VAL A 30 13.32 -8.91 -16.36
CA VAL A 30 12.59 -8.18 -17.43
C VAL A 30 13.50 -8.06 -18.65
N ILE A 31 13.12 -8.69 -19.76
CA ILE A 31 13.92 -8.66 -21.03
C ILE A 31 13.40 -7.49 -21.86
N GLY A 32 14.29 -6.52 -22.13
CA GLY A 32 13.98 -5.27 -22.83
C GLY A 32 13.76 -4.18 -21.81
N ALA A 33 14.66 -3.21 -21.78
CA ALA A 33 14.76 -2.14 -20.78
C ALA A 33 14.38 -0.80 -21.43
N GLY A 34 13.44 -0.83 -22.39
CA GLY A 34 12.81 0.38 -22.96
C GLY A 34 11.75 0.94 -22.04
N PHE A 35 10.82 1.74 -22.56
CA PHE A 35 9.77 2.40 -21.74
C PHE A 35 8.94 1.37 -20.96
N THR A 36 8.45 0.31 -21.60
CA THR A 36 7.57 -0.68 -20.92
C THR A 36 8.35 -1.51 -19.94
N GLY A 37 9.51 -2.02 -20.34
CA GLY A 37 10.33 -2.89 -19.46
C GLY A 37 10.75 -2.13 -18.22
N ALA A 38 11.28 -0.93 -18.40
CA ALA A 38 11.73 -0.05 -17.30
C ALA A 38 10.56 0.27 -16.36
N THR A 39 9.37 0.53 -16.92
CA THR A 39 8.19 0.96 -16.14
C THR A 39 7.70 -0.23 -15.33
N THR A 40 7.79 -1.42 -15.93
CA THR A 40 7.42 -2.71 -15.29
C THR A 40 8.39 -3.01 -14.15
N ALA A 41 9.70 -2.95 -14.41
CA ALA A 41 10.75 -3.19 -13.39
C ALA A 41 10.48 -2.31 -12.18
N PHE A 42 10.20 -1.03 -12.40
CA PHE A 42 10.06 -0.06 -11.29
C PHE A 42 8.80 -0.39 -10.45
N LEU A 43 7.69 -0.73 -11.09
CA LEU A 43 6.46 -1.14 -10.38
C LEU A 43 6.73 -2.41 -9.59
N LEU A 44 7.37 -3.42 -10.21
CA LEU A 44 7.67 -4.71 -9.54
C LEU A 44 8.47 -4.46 -8.27
N ALA A 45 9.49 -3.59 -8.33
CA ALA A 45 10.36 -3.26 -7.18
C ALA A 45 9.59 -2.52 -6.09
N GLN A 46 8.83 -1.47 -6.45
CA GLN A 46 8.04 -0.70 -5.45
C GLN A 46 7.08 -1.65 -4.71
N LYS A 47 6.54 -2.67 -5.38
CA LYS A 47 5.56 -3.59 -4.74
C LYS A 47 6.29 -4.69 -3.95
N GLU A 48 7.63 -4.72 -3.97
CA GLU A 48 8.47 -5.68 -3.23
C GLU A 48 8.05 -7.09 -3.65
N LEU A 49 7.78 -7.29 -4.95
CA LEU A 49 7.35 -8.61 -5.48
C LEU A 49 8.58 -9.48 -5.72
N GLY A 50 9.78 -8.89 -5.76
CA GLY A 50 11.03 -9.67 -5.87
C GLY A 50 12.21 -8.82 -6.23
N ASP A 51 13.39 -9.44 -6.35
CA ASP A 51 14.60 -8.80 -6.91
C ASP A 51 14.38 -8.69 -8.42
N VAL A 52 14.85 -7.61 -9.04
CA VAL A 52 14.60 -7.39 -10.49
C VAL A 52 15.94 -7.33 -11.21
N VAL A 53 16.04 -8.07 -12.30
CA VAL A 53 17.17 -8.04 -13.26
C VAL A 53 16.61 -7.49 -14.57
N LEU A 54 17.11 -6.33 -14.99
CA LEU A 54 16.64 -5.61 -16.20
C LEU A 54 17.69 -5.87 -17.29
N VAL A 55 17.25 -6.43 -18.40
CA VAL A 55 18.18 -6.92 -19.47
C VAL A 55 17.90 -6.18 -20.79
N ASP A 56 18.98 -5.77 -21.48
CA ASP A 56 18.90 -5.25 -22.86
C ASP A 56 20.14 -5.72 -23.65
N ILE A 57 20.24 -5.29 -24.90
CA ILE A 57 21.34 -5.66 -25.83
C ILE A 57 22.62 -5.03 -25.29
N PRO A 58 23.80 -5.60 -25.62
CA PRO A 58 25.08 -5.02 -25.20
C PRO A 58 25.21 -3.53 -25.50
N GLN A 59 24.68 -3.10 -26.65
CA GLN A 59 24.80 -1.69 -27.12
C GLN A 59 24.15 -0.77 -26.08
N LEU A 60 23.19 -1.25 -25.29
CA LEU A 60 22.44 -0.42 -24.31
C LEU A 60 22.72 -0.89 -22.88
N GLU A 61 23.90 -1.45 -22.63
CA GLU A 61 24.28 -2.01 -21.31
C GLU A 61 24.29 -0.88 -20.27
N ASN A 62 24.93 0.22 -20.60
CA ASN A 62 25.14 1.40 -19.71
C ASN A 62 23.79 2.08 -19.44
N PRO A 63 23.02 2.53 -20.45
CA PRO A 63 21.68 3.06 -20.19
C PRO A 63 20.82 2.19 -19.26
N THR A 64 20.82 0.88 -19.48
CA THR A 64 20.08 -0.13 -18.69
C THR A 64 20.58 -0.14 -17.23
N LYS A 65 21.90 -0.12 -17.02
CA LYS A 65 22.49 -0.04 -15.65
C LYS A 65 22.10 1.30 -15.01
N GLY A 66 22.11 2.39 -15.78
CA GLY A 66 21.62 3.70 -15.31
C GLY A 66 20.19 3.62 -14.80
N LYS A 67 19.28 3.12 -15.62
CA LYS A 67 17.84 3.02 -15.25
C LYS A 67 17.74 2.24 -13.95
N ALA A 68 18.35 1.03 -13.87
CA ALA A 68 18.27 0.10 -12.71
C ALA A 68 18.82 0.79 -11.46
N LEU A 69 19.97 1.47 -11.56
CA LEU A 69 20.60 2.12 -10.38
C LEU A 69 19.77 3.33 -9.93
N ASP A 70 19.22 4.12 -10.85
CA ASP A 70 18.24 5.21 -10.58
C ASP A 70 17.04 4.64 -9.79
N MET A 71 16.47 3.51 -10.20
CA MET A 71 15.31 2.89 -9.51
C MET A 71 15.72 2.49 -8.09
N LEU A 72 16.91 1.92 -7.92
CA LEU A 72 17.38 1.41 -6.59
C LEU A 72 17.56 2.61 -5.65
N GLU A 73 18.06 3.71 -6.18
CA GLU A 73 18.30 4.95 -5.43
C GLU A 73 16.97 5.53 -4.96
N ALA A 74 15.84 5.15 -5.56
CA ALA A 74 14.48 5.55 -5.15
C ALA A 74 14.01 4.73 -3.93
N SER A 75 14.67 3.59 -3.63
CA SER A 75 14.20 2.59 -2.65
C SER A 75 14.20 3.15 -1.23
N PRO A 76 15.20 3.96 -0.79
CA PRO A 76 15.16 4.49 0.58
C PRO A 76 14.03 5.53 0.73
N VAL A 77 13.66 6.21 -0.35
CA VAL A 77 12.64 7.31 -0.34
C VAL A 77 11.23 6.71 -0.35
N LEU A 78 10.95 5.79 -1.28
CA LEU A 78 9.65 5.06 -1.35
C LEU A 78 9.56 3.94 -0.30
N GLY A 79 10.66 3.55 0.36
CA GLY A 79 10.61 2.61 1.50
C GLY A 79 10.30 1.18 1.06
N PHE A 80 10.91 0.72 -0.05
CA PHE A 80 10.86 -0.70 -0.48
C PHE A 80 12.26 -1.33 -0.36
N ASP A 81 12.29 -2.61 0.00
CA ASP A 81 13.48 -3.51 -0.04
C ASP A 81 13.41 -4.34 -1.31
N ALA A 82 14.22 -4.00 -2.30
CA ALA A 82 14.40 -4.79 -3.52
C ALA A 82 15.78 -4.49 -4.11
N ASN A 83 16.41 -5.50 -4.73
CA ASN A 83 17.64 -5.34 -5.53
C ASN A 83 17.18 -5.07 -6.96
N ILE A 84 17.78 -4.10 -7.64
CA ILE A 84 17.57 -3.86 -9.10
C ILE A 84 18.95 -3.72 -9.75
N ILE A 85 19.25 -4.53 -10.76
CA ILE A 85 20.49 -4.40 -11.57
C ILE A 85 20.07 -4.34 -13.02
N GLY A 86 20.88 -3.63 -13.82
CA GLY A 86 20.82 -3.69 -15.28
C GLY A 86 21.97 -4.52 -15.78
N THR A 87 21.79 -5.21 -16.89
CA THR A 87 22.81 -6.14 -17.45
C THR A 87 22.54 -6.40 -18.93
N SER A 88 23.57 -6.92 -19.62
CA SER A 88 23.48 -7.45 -21.01
C SER A 88 23.90 -8.92 -20.98
N ASP A 89 24.21 -9.45 -19.78
CA ASP A 89 24.67 -10.84 -19.55
C ASP A 89 23.52 -11.67 -18.95
N TYR A 90 23.01 -12.64 -19.71
CA TYR A 90 21.86 -13.46 -19.28
C TYR A 90 22.21 -14.29 -18.05
N ALA A 91 23.50 -14.46 -17.75
CA ALA A 91 23.96 -15.21 -16.56
C ALA A 91 23.37 -14.56 -15.32
N ASP A 92 23.13 -13.24 -15.36
CA ASP A 92 22.56 -12.44 -14.25
C ASP A 92 21.08 -12.82 -14.04
N THR A 93 20.42 -13.50 -14.99
CA THR A 93 18.98 -13.88 -14.91
C THR A 93 18.79 -15.24 -14.26
N ALA A 94 19.87 -15.94 -13.86
CA ALA A 94 19.83 -17.36 -13.43
C ALA A 94 18.77 -17.57 -12.32
N ASP A 95 17.96 -18.63 -12.42
CA ASP A 95 17.02 -19.05 -11.36
C ASP A 95 15.98 -17.95 -11.15
N SER A 96 15.58 -17.27 -12.22
CA SER A 96 14.40 -16.37 -12.20
C SER A 96 13.15 -17.23 -12.03
N ASP A 97 12.27 -16.84 -11.11
CA ASP A 97 10.91 -17.43 -10.98
C ASP A 97 10.05 -16.99 -12.17
N ILE A 98 10.21 -15.75 -12.60
CA ILE A 98 9.37 -15.19 -13.69
C ILE A 98 10.26 -14.37 -14.61
N VAL A 99 10.03 -14.50 -15.91
CA VAL A 99 10.74 -13.68 -16.93
C VAL A 99 9.66 -13.00 -17.72
N VAL A 100 9.78 -11.69 -17.87
CA VAL A 100 8.84 -10.86 -18.65
C VAL A 100 9.60 -10.46 -19.91
N ILE A 101 9.04 -10.75 -21.09
CA ILE A 101 9.69 -10.42 -22.38
C ILE A 101 9.00 -9.21 -23.02
N THR A 102 9.69 -8.07 -23.01
CA THR A 102 9.29 -6.81 -23.69
C THR A 102 10.27 -6.51 -24.85
N ALA A 103 11.18 -7.42 -25.20
CA ALA A 103 12.15 -7.21 -26.29
C ALA A 103 11.43 -7.15 -27.64
N GLY A 104 11.92 -6.30 -28.53
CA GLY A 104 11.34 -6.12 -29.86
C GLY A 104 11.86 -4.85 -30.52
N ILE A 105 11.75 -4.76 -31.84
CA ILE A 105 12.18 -3.55 -32.59
C ILE A 105 10.97 -2.61 -32.70
N ALA A 106 11.21 -1.30 -32.57
CA ALA A 106 10.24 -0.23 -32.91
C ALA A 106 10.04 -0.26 -34.42
N ARG A 107 8.86 -0.68 -34.88
CA ARG A 107 8.51 -0.85 -36.33
C ARG A 107 9.12 0.31 -37.13
N LYS A 108 9.87 -0.01 -38.19
CA LYS A 108 10.55 0.98 -39.06
C LYS A 108 9.49 1.73 -39.89
N PRO A 109 9.57 3.07 -40.06
CA PRO A 109 8.66 3.75 -40.98
C PRO A 109 8.57 2.96 -42.30
N GLY A 110 7.36 2.55 -42.69
CA GLY A 110 7.06 1.71 -43.86
C GLY A 110 7.86 0.41 -43.90
N MET A 111 7.74 -0.41 -42.85
CA MET A 111 8.18 -1.84 -42.82
C MET A 111 6.94 -2.73 -43.05
N SER A 112 7.07 -3.82 -43.81
CA SER A 112 5.95 -4.78 -44.04
C SER A 112 5.68 -5.58 -42.76
N ARG A 113 4.45 -6.05 -42.58
CA ARG A 113 4.00 -6.82 -41.40
C ARG A 113 4.83 -8.11 -41.33
N ASP A 114 5.16 -8.69 -42.49
CA ASP A 114 6.00 -9.91 -42.63
C ASP A 114 7.39 -9.69 -42.03
N ASP A 115 8.02 -8.55 -42.38
CA ASP A 115 9.40 -8.20 -41.93
C ASP A 115 9.36 -7.94 -40.42
N LEU A 116 8.31 -7.30 -39.89
CA LEU A 116 8.11 -7.13 -38.42
C LEU A 116 8.06 -8.51 -37.76
N VAL A 117 7.13 -9.36 -38.21
CA VAL A 117 6.87 -10.72 -37.62
C VAL A 117 8.18 -11.50 -37.58
N THR A 118 8.94 -11.46 -38.68
CA THR A 118 10.16 -12.27 -38.90
C THR A 118 11.30 -11.67 -38.07
N THR A 119 11.41 -10.35 -37.98
CA THR A 119 12.43 -9.68 -37.14
C THR A 119 12.14 -9.95 -35.66
N ASN A 120 10.89 -9.81 -35.21
CA ASN A 120 10.54 -10.03 -33.77
C ASN A 120 10.62 -11.54 -33.48
N GLN A 121 10.24 -12.40 -34.42
CA GLN A 121 10.36 -13.89 -34.26
C GLN A 121 11.82 -14.25 -33.95
N LYS A 122 12.77 -13.67 -34.68
CA LYS A 122 14.22 -13.94 -34.50
C LYS A 122 14.65 -13.52 -33.09
N ILE A 123 14.11 -12.39 -32.61
CA ILE A 123 14.43 -11.86 -31.26
C ILE A 123 13.87 -12.81 -30.20
N MET A 124 12.63 -13.27 -30.34
CA MET A 124 11.99 -14.20 -29.36
C MET A 124 12.77 -15.51 -29.31
N LYS A 125 13.21 -16.02 -30.47
CA LYS A 125 14.03 -17.27 -30.55
C LYS A 125 15.34 -17.03 -29.80
N GLN A 126 16.09 -15.96 -30.11
CA GLN A 126 17.40 -15.68 -29.46
C GLN A 126 17.19 -15.50 -27.94
N VAL A 127 16.23 -14.64 -27.56
CA VAL A 127 15.93 -14.32 -26.13
C VAL A 127 15.62 -15.62 -25.37
N THR A 128 14.66 -16.40 -25.89
CA THR A 128 14.09 -17.57 -25.20
C THR A 128 15.17 -18.62 -24.95
N LYS A 129 16.06 -18.82 -25.93
CA LYS A 129 17.22 -19.76 -25.82
C LYS A 129 18.02 -19.43 -24.54
N GLU A 130 18.44 -18.17 -24.37
CA GLU A 130 19.27 -17.75 -23.20
C GLU A 130 18.47 -17.80 -21.89
N VAL A 131 17.18 -17.44 -21.92
CA VAL A 131 16.31 -17.41 -20.71
C VAL A 131 16.18 -18.83 -20.15
N VAL A 132 15.80 -19.79 -21.00
CA VAL A 132 15.50 -21.18 -20.53
C VAL A 132 16.81 -21.90 -20.16
N LYS A 133 17.94 -21.46 -20.72
CA LYS A 133 19.28 -21.97 -20.38
C LYS A 133 19.58 -21.68 -18.91
N TYR A 134 19.37 -20.44 -18.47
CA TYR A 134 19.69 -19.99 -17.10
C TYR A 134 18.47 -20.16 -16.17
N SER A 135 17.25 -20.30 -16.70
CA SER A 135 16.03 -20.39 -15.86
C SER A 135 15.09 -21.45 -16.41
N PRO A 136 15.45 -22.76 -16.25
CA PRO A 136 14.69 -23.85 -16.85
C PRO A 136 13.29 -24.03 -16.24
N ASN A 137 13.03 -23.42 -15.07
CA ASN A 137 11.76 -23.63 -14.32
C ASN A 137 10.90 -22.35 -14.30
N CYS A 138 11.31 -21.30 -15.01
CA CYS A 138 10.66 -19.96 -14.94
C CYS A 138 9.28 -20.01 -15.60
N TYR A 139 8.38 -19.12 -15.19
CA TYR A 139 7.16 -18.75 -15.98
C TYR A 139 7.55 -17.55 -16.83
N ILE A 140 7.09 -17.52 -18.09
CA ILE A 140 7.38 -16.44 -19.08
C ILE A 140 6.06 -15.76 -19.39
N ILE A 141 6.03 -14.43 -19.27
CA ILE A 141 4.94 -13.55 -19.76
C ILE A 141 5.53 -12.68 -20.88
N VAL A 142 4.86 -12.67 -22.02
CA VAL A 142 5.32 -12.06 -23.30
C VAL A 142 4.45 -10.84 -23.62
N LEU A 143 5.04 -9.68 -23.89
CA LEU A 143 4.34 -8.47 -24.37
C LEU A 143 4.52 -8.32 -25.89
N THR A 144 5.66 -8.79 -26.42
CA THR A 144 6.18 -8.43 -27.77
C THR A 144 5.08 -8.58 -28.84
N ASN A 145 4.86 -7.53 -29.64
CA ASN A 145 3.85 -7.48 -30.76
C ASN A 145 4.46 -8.20 -31.96
N PRO A 146 3.72 -9.06 -32.69
CA PRO A 146 2.34 -9.44 -32.38
C PRO A 146 2.26 -10.62 -31.39
N VAL A 147 1.58 -10.38 -30.27
CA VAL A 147 1.73 -11.17 -29.02
C VAL A 147 1.30 -12.62 -29.26
N ASP A 148 0.25 -12.87 -30.05
CA ASP A 148 -0.23 -14.25 -30.38
C ASP A 148 0.91 -15.07 -31.02
N ALA A 149 1.48 -14.58 -32.12
CA ALA A 149 2.57 -15.22 -32.87
C ALA A 149 3.88 -15.22 -32.06
N MET A 150 4.18 -14.15 -31.33
CA MET A 150 5.44 -14.09 -30.54
C MET A 150 5.36 -15.00 -29.31
N THR A 151 4.18 -15.16 -28.70
CA THR A 151 4.05 -16.04 -27.49
C THR A 151 4.20 -17.48 -27.98
N TYR A 152 3.57 -17.78 -29.12
CA TYR A 152 3.69 -19.08 -29.84
C TYR A 152 5.17 -19.38 -30.09
N THR A 153 5.91 -18.43 -30.68
CA THR A 153 7.37 -18.56 -30.93
C THR A 153 8.07 -18.89 -29.61
N VAL A 154 7.77 -18.14 -28.54
CA VAL A 154 8.46 -18.34 -27.23
C VAL A 154 8.12 -19.75 -26.72
N PHE A 155 6.85 -20.17 -26.84
CA PHE A 155 6.37 -21.50 -26.39
C PHE A 155 7.24 -22.60 -27.04
N LYS A 156 7.29 -22.61 -28.37
CA LYS A 156 7.93 -23.72 -29.15
C LYS A 156 9.44 -23.76 -28.89
N GLU A 157 10.10 -22.62 -28.74
CA GLU A 157 11.56 -22.53 -28.48
C GLU A 157 11.90 -22.95 -27.04
N SER A 158 11.07 -22.58 -26.07
CA SER A 158 11.26 -22.97 -24.65
C SER A 158 11.17 -24.50 -24.51
N GLY A 159 10.31 -25.14 -25.29
CA GLY A 159 9.83 -26.52 -25.05
C GLY A 159 9.27 -26.71 -23.65
N PHE A 160 8.77 -25.63 -23.03
CA PHE A 160 8.07 -25.63 -21.72
C PHE A 160 6.62 -26.10 -21.92
N PRO A 161 5.95 -26.66 -20.88
CA PRO A 161 4.52 -26.86 -20.98
C PRO A 161 3.77 -25.53 -21.11
N LYS A 162 2.56 -25.56 -21.68
CA LYS A 162 1.73 -24.40 -22.11
C LYS A 162 1.35 -23.48 -20.93
N ASN A 163 1.22 -24.03 -19.72
CA ASN A 163 0.77 -23.30 -18.51
C ASN A 163 1.83 -22.26 -18.12
N ARG A 164 3.06 -22.39 -18.65
CA ARG A 164 4.26 -21.61 -18.21
C ARG A 164 4.61 -20.50 -19.22
N VAL A 165 3.89 -20.38 -20.33
CA VAL A 165 4.22 -19.43 -21.44
C VAL A 165 2.96 -18.67 -21.82
N ILE A 166 2.88 -17.40 -21.42
CA ILE A 166 1.64 -16.58 -21.38
C ILE A 166 1.92 -15.24 -22.09
N GLY A 167 0.96 -14.72 -22.83
CA GLY A 167 1.04 -13.38 -23.43
C GLY A 167 0.08 -12.43 -22.76
N GLN A 168 0.43 -11.15 -22.71
CA GLN A 168 -0.46 -10.06 -22.25
C GLN A 168 -1.22 -9.49 -23.46
N SER A 169 -2.54 -9.36 -23.37
CA SER A 169 -3.31 -8.56 -24.34
C SER A 169 -4.60 -8.02 -23.76
N GLY A 170 -5.46 -8.92 -23.24
CA GLY A 170 -6.82 -8.55 -22.80
C GLY A 170 -6.81 -7.59 -21.63
N VAL A 171 -5.88 -7.75 -20.69
CA VAL A 171 -5.85 -6.88 -19.48
C VAL A 171 -5.71 -5.43 -19.92
N LEU A 172 -4.79 -5.12 -20.83
CA LEU A 172 -4.63 -3.73 -21.39
C LEU A 172 -5.93 -3.26 -22.07
N ASP A 173 -6.59 -4.09 -22.89
CA ASP A 173 -7.84 -3.67 -23.57
C ASP A 173 -8.97 -3.40 -22.56
N THR A 174 -9.15 -4.27 -21.55
CA THR A 174 -10.17 -4.07 -20.48
C THR A 174 -9.84 -2.79 -19.69
N ALA A 175 -8.56 -2.51 -19.43
CA ALA A 175 -8.15 -1.31 -18.66
C ALA A 175 -8.65 -0.07 -19.39
N ARG A 176 -8.41 0.02 -20.71
CA ARG A 176 -8.79 1.19 -21.54
C ARG A 176 -10.32 1.27 -21.57
N PHE A 177 -11.00 0.14 -21.80
CA PHE A 177 -12.48 0.02 -21.78
C PHE A 177 -13.04 0.55 -20.47
N ARG A 178 -12.46 0.14 -19.33
CA ARG A 178 -12.93 0.56 -17.98
C ARG A 178 -12.72 2.05 -17.79
N THR A 179 -11.60 2.61 -18.24
CA THR A 179 -11.31 4.06 -18.19
C THR A 179 -12.41 4.84 -18.92
N PHE A 180 -12.73 4.43 -20.14
CA PHE A 180 -13.71 5.12 -21.00
C PHE A 180 -15.11 5.00 -20.37
N VAL A 181 -15.48 3.81 -19.91
CA VAL A 181 -16.82 3.60 -19.27
C VAL A 181 -16.87 4.47 -18.02
N ALA A 182 -15.82 4.46 -17.19
CA ALA A 182 -15.79 5.29 -15.96
C ALA A 182 -15.98 6.77 -16.33
N GLU A 183 -15.36 7.23 -17.41
CA GLU A 183 -15.51 8.64 -17.86
C GLU A 183 -16.98 8.88 -18.26
N GLU A 184 -17.56 7.96 -19.03
CA GLU A 184 -18.96 8.08 -19.53
C GLU A 184 -19.91 8.22 -18.35
N LEU A 185 -19.74 7.43 -17.28
CA LEU A 185 -20.71 7.36 -16.17
C LEU A 185 -20.28 8.22 -14.98
N ASN A 186 -19.10 8.83 -15.02
CA ASN A 186 -18.55 9.58 -13.85
C ASN A 186 -18.65 8.72 -12.57
N ILE A 187 -18.09 7.49 -12.60
CA ILE A 187 -17.89 6.59 -11.43
C ILE A 187 -16.41 6.14 -11.34
N SER A 188 -16.04 5.43 -10.28
CA SER A 188 -14.69 4.82 -10.11
C SER A 188 -14.50 3.69 -11.11
N VAL A 189 -13.29 3.55 -11.63
CA VAL A 189 -12.84 2.39 -12.45
C VAL A 189 -12.95 1.08 -11.67
N LYS A 190 -12.80 1.10 -10.36
CA LYS A 190 -12.97 -0.11 -9.50
C LYS A 190 -14.29 -0.84 -9.82
N ASP A 191 -15.36 -0.14 -10.18
CA ASP A 191 -16.73 -0.73 -10.24
C ASP A 191 -17.15 -0.96 -11.70
N VAL A 192 -16.21 -0.85 -12.63
CA VAL A 192 -16.47 -1.15 -14.07
C VAL A 192 -15.76 -2.46 -14.40
N THR A 193 -16.40 -3.32 -15.18
CA THR A 193 -15.75 -4.52 -15.76
C THR A 193 -15.99 -4.53 -17.28
N GLY A 194 -14.97 -4.93 -18.02
CA GLY A 194 -15.05 -5.25 -19.45
C GLY A 194 -14.78 -6.72 -19.64
N PHE A 195 -15.02 -7.23 -20.84
CA PHE A 195 -14.82 -8.67 -21.13
C PHE A 195 -14.37 -8.73 -22.58
N VAL A 196 -13.14 -9.19 -22.83
CA VAL A 196 -12.60 -9.25 -24.22
C VAL A 196 -11.91 -10.60 -24.44
N LEU A 197 -12.30 -11.27 -25.52
CA LEU A 197 -11.57 -12.40 -26.14
C LEU A 197 -10.78 -11.80 -27.29
N GLY A 198 -9.88 -12.58 -27.88
CA GLY A 198 -9.11 -12.11 -29.03
C GLY A 198 -8.17 -10.99 -28.65
N GLY A 199 -7.51 -10.41 -29.67
CA GLY A 199 -6.38 -9.49 -29.50
C GLY A 199 -6.83 -8.05 -29.62
N HIS A 200 -5.99 -7.20 -30.22
CA HIS A 200 -6.18 -5.73 -30.30
C HIS A 200 -6.93 -5.38 -31.58
N GLY A 201 -7.52 -4.18 -31.62
CA GLY A 201 -8.09 -3.57 -32.83
C GLY A 201 -9.21 -4.42 -33.38
N ASP A 202 -9.11 -4.77 -34.67
CA ASP A 202 -10.11 -5.55 -35.45
C ASP A 202 -10.23 -6.97 -34.89
N ASP A 203 -9.17 -7.49 -34.26
CA ASP A 203 -9.10 -8.87 -33.72
C ASP A 203 -9.76 -8.99 -32.34
N MET A 204 -10.15 -7.85 -31.72
CA MET A 204 -10.77 -7.83 -30.38
C MET A 204 -12.22 -8.31 -30.45
N VAL A 205 -12.61 -9.22 -29.56
CA VAL A 205 -14.01 -9.72 -29.49
C VAL A 205 -14.55 -9.37 -28.11
N PRO A 206 -15.06 -8.14 -27.94
CA PRO A 206 -15.70 -7.76 -26.68
C PRO A 206 -17.07 -8.43 -26.54
N LEU A 207 -17.41 -8.76 -25.30
CA LEU A 207 -18.78 -9.12 -24.85
C LEU A 207 -19.30 -7.96 -24.00
N VAL A 208 -19.93 -6.94 -24.61
CA VAL A 208 -20.61 -5.88 -23.83
C VAL A 208 -21.61 -6.52 -22.84
N ARG A 209 -22.22 -7.67 -23.19
CA ARG A 209 -23.24 -8.35 -22.35
C ARG A 209 -22.61 -8.86 -21.04
N TYR A 210 -21.30 -9.16 -21.03
CA TYR A 210 -20.53 -9.52 -19.82
C TYR A 210 -19.78 -8.27 -19.32
N SER A 211 -20.29 -7.06 -19.56
CA SER A 211 -19.65 -5.78 -19.14
C SER A 211 -20.65 -4.93 -18.36
N TYR A 212 -20.21 -4.46 -17.18
CA TYR A 212 -21.06 -4.00 -16.04
C TYR A 212 -20.47 -2.74 -15.40
N ALA A 213 -21.34 -1.88 -14.85
CA ALA A 213 -21.05 -0.86 -13.83
C ALA A 213 -21.77 -1.26 -12.53
N GLY A 214 -21.03 -1.64 -11.49
CA GLY A 214 -21.60 -2.11 -10.21
C GLY A 214 -22.46 -3.35 -10.41
N GLY A 215 -22.12 -4.20 -11.39
CA GLY A 215 -22.85 -5.44 -11.70
C GLY A 215 -24.09 -5.23 -12.56
N ILE A 216 -24.38 -4.00 -12.97
CA ILE A 216 -25.50 -3.61 -13.88
C ILE A 216 -24.99 -3.67 -15.32
N PRO A 217 -25.65 -4.41 -16.24
CA PRO A 217 -25.27 -4.41 -17.65
C PRO A 217 -25.14 -2.99 -18.20
N LEU A 218 -24.01 -2.72 -18.87
CA LEU A 218 -23.70 -1.38 -19.44
C LEU A 218 -24.71 -1.01 -20.53
N GLU A 219 -25.32 -2.00 -21.20
CA GLU A 219 -26.37 -1.79 -22.24
C GLU A 219 -27.59 -1.08 -21.64
N LYS A 220 -27.80 -1.21 -20.32
CA LYS A 220 -28.96 -0.59 -19.62
C LYS A 220 -28.62 0.81 -19.11
N LEU A 221 -27.34 1.21 -19.19
CA LEU A 221 -26.85 2.47 -18.55
C LEU A 221 -26.37 3.48 -19.61
N ILE A 222 -25.94 3.03 -20.79
CA ILE A 222 -25.27 3.87 -21.83
C ILE A 222 -25.99 3.65 -23.15
N PRO A 223 -26.49 4.69 -23.84
CA PRO A 223 -27.15 4.48 -25.14
C PRO A 223 -26.23 3.75 -26.13
N LYS A 224 -26.80 3.04 -27.10
CA LYS A 224 -26.06 2.17 -28.04
C LYS A 224 -24.97 2.95 -28.80
N ASP A 225 -25.25 4.17 -29.26
CA ASP A 225 -24.30 4.95 -30.09
C ASP A 225 -23.05 5.31 -29.25
N ARG A 226 -23.22 5.61 -27.96
CA ARG A 226 -22.11 5.99 -27.03
C ARG A 226 -21.40 4.70 -26.57
N LEU A 227 -22.11 3.59 -26.36
CA LEU A 227 -21.46 2.31 -26.01
C LEU A 227 -20.64 1.77 -27.19
N ASP A 228 -21.18 1.78 -28.42
CA ASP A 228 -20.43 1.35 -29.64
C ASP A 228 -19.16 2.21 -29.78
N ALA A 229 -19.25 3.51 -29.54
CA ALA A 229 -18.13 4.49 -29.62
C ALA A 229 -17.03 4.13 -28.60
N ILE A 230 -17.41 3.69 -27.40
CA ILE A 230 -16.45 3.21 -26.35
C ILE A 230 -15.77 1.92 -26.82
N VAL A 231 -16.52 0.98 -27.39
CA VAL A 231 -15.96 -0.30 -27.92
C VAL A 231 -14.94 0.05 -29.02
N GLU A 232 -15.30 0.87 -30.00
CA GLU A 232 -14.40 1.33 -31.09
C GLU A 232 -13.16 2.02 -30.48
N ARG A 233 -13.34 2.96 -29.55
CA ARG A 233 -12.21 3.67 -28.90
C ARG A 233 -11.24 2.69 -28.23
N THR A 234 -11.73 1.58 -27.69
CA THR A 234 -10.92 0.48 -27.11
C THR A 234 -10.15 -0.25 -28.20
N ARG A 235 -10.80 -0.49 -29.34
CA ARG A 235 -10.16 -1.16 -30.49
C ARG A 235 -8.95 -0.33 -30.95
N LYS A 236 -9.11 1.00 -30.97
CA LYS A 236 -8.15 1.98 -31.56
C LYS A 236 -7.27 2.57 -30.45
N GLY A 237 -7.37 2.05 -29.22
CA GLY A 237 -6.83 2.68 -28.01
C GLY A 237 -5.31 2.74 -27.99
N GLY A 238 -4.63 1.69 -28.45
CA GLY A 238 -3.18 1.70 -28.68
C GLY A 238 -2.79 2.81 -29.66
N GLY A 239 -3.49 2.91 -30.79
CA GLY A 239 -3.18 3.89 -31.84
C GLY A 239 -3.44 5.30 -31.34
N GLU A 240 -4.40 5.47 -30.44
CA GLU A 240 -4.73 6.79 -29.86
C GLU A 240 -3.51 7.32 -29.11
N ILE A 241 -2.83 6.47 -28.34
CA ILE A 241 -1.63 6.90 -27.54
C ILE A 241 -0.47 7.18 -28.51
N VAL A 242 -0.24 6.30 -29.47
CA VAL A 242 0.80 6.53 -30.53
C VAL A 242 0.58 7.92 -31.15
N ASN A 243 -0.63 8.21 -31.61
CA ASN A 243 -0.91 9.45 -32.35
C ASN A 243 -0.61 10.66 -31.45
N LEU A 244 -0.89 10.58 -30.15
CA LEU A 244 -0.60 11.69 -29.22
C LEU A 244 0.91 11.76 -28.97
N LEU A 245 1.60 10.62 -28.77
CA LEU A 245 3.05 10.63 -28.43
C LEU A 245 3.89 11.04 -29.67
N GLY A 246 3.47 10.67 -30.88
CA GLY A 246 4.24 10.90 -32.11
C GLY A 246 5.11 9.70 -32.40
N ASN A 247 6.38 9.79 -32.02
CA ASN A 247 7.37 8.69 -32.20
C ASN A 247 7.43 7.87 -30.90
N GLY A 248 6.38 7.09 -30.60
CA GLY A 248 6.38 6.13 -29.48
C GLY A 248 5.03 5.47 -29.24
N SER A 249 4.97 4.50 -28.34
CA SER A 249 3.73 3.73 -28.02
C SER A 249 3.49 3.65 -26.50
N ALA A 250 2.31 3.22 -26.07
CA ALA A 250 1.90 3.24 -24.65
C ALA A 250 2.91 2.43 -23.81
N TYR A 251 3.20 2.85 -22.57
CA TYR A 251 4.00 2.04 -21.61
C TYR A 251 3.42 2.00 -20.19
N TYR A 252 2.73 3.02 -19.71
CA TYR A 252 2.20 3.03 -18.32
C TYR A 252 1.17 1.90 -18.19
N ALA A 253 0.14 1.88 -19.05
CA ALA A 253 -0.94 0.88 -18.95
C ALA A 253 -0.41 -0.52 -19.33
N PRO A 254 0.38 -0.68 -20.41
CA PRO A 254 0.98 -1.99 -20.69
C PRO A 254 1.78 -2.55 -19.51
N ALA A 255 2.60 -1.70 -18.86
CA ALA A 255 3.43 -2.09 -17.70
C ALA A 255 2.53 -2.56 -16.56
N ALA A 256 1.51 -1.78 -16.21
CA ALA A 256 0.51 -2.14 -15.18
C ALA A 256 -0.07 -3.53 -15.49
N SER A 257 -0.43 -3.77 -16.75
CA SER A 257 -1.06 -5.01 -17.22
C SER A 257 -0.15 -6.22 -16.94
N LEU A 258 1.13 -6.10 -17.24
CA LEU A 258 2.13 -7.16 -17.02
C LEU A 258 2.26 -7.38 -15.50
N VAL A 259 2.29 -6.31 -14.73
CA VAL A 259 2.46 -6.41 -13.25
C VAL A 259 1.30 -7.15 -12.59
N GLU A 260 0.05 -6.82 -12.94
CA GLU A 260 -1.13 -7.56 -12.46
C GLU A 260 -0.98 -9.07 -12.75
N MET A 261 -0.44 -9.45 -13.91
CA MET A 261 -0.35 -10.88 -14.33
C MET A 261 0.82 -11.54 -13.58
N VAL A 262 1.96 -10.85 -13.44
CA VAL A 262 3.11 -11.33 -12.61
C VAL A 262 2.64 -11.57 -11.17
N GLU A 263 1.97 -10.58 -10.58
CA GLU A 263 1.50 -10.61 -9.18
C GLU A 263 0.57 -11.80 -8.97
N ALA A 264 -0.36 -12.05 -9.91
CA ALA A 264 -1.30 -13.19 -9.86
C ALA A 264 -0.52 -14.50 -9.71
N ILE A 265 0.58 -14.65 -10.44
CA ILE A 265 1.41 -15.89 -10.40
C ILE A 265 2.24 -15.90 -9.11
N LEU A 266 2.97 -14.82 -8.79
CA LEU A 266 3.92 -14.86 -7.64
C LEU A 266 3.18 -15.08 -6.32
N LYS A 267 1.96 -14.57 -6.18
CA LYS A 267 1.16 -14.66 -4.93
C LYS A 267 0.05 -15.71 -5.08
N ASP A 268 0.06 -16.48 -6.16
CA ASP A 268 -0.84 -17.65 -6.34
C ASP A 268 -2.28 -17.21 -6.05
N GLN A 269 -2.70 -16.16 -6.73
CA GLN A 269 -3.96 -15.42 -6.43
C GLN A 269 -5.15 -16.11 -7.11
N ARG A 270 -4.93 -16.91 -8.16
CA ARG A 270 -6.06 -17.54 -8.91
C ARG A 270 -7.04 -16.46 -9.33
N ARG A 271 -6.51 -15.43 -9.99
CA ARG A 271 -7.30 -14.37 -10.66
C ARG A 271 -8.00 -14.99 -11.88
N ILE A 272 -9.17 -14.47 -12.25
CA ILE A 272 -9.74 -14.59 -13.61
C ILE A 272 -9.30 -13.36 -14.41
N LEU A 273 -8.45 -13.58 -15.40
CA LEU A 273 -7.89 -12.50 -16.25
C LEU A 273 -7.84 -13.00 -17.69
N PRO A 274 -8.18 -12.14 -18.66
CA PRO A 274 -7.94 -12.46 -20.06
C PRO A 274 -6.43 -12.53 -20.27
N ALA A 275 -5.98 -13.60 -20.94
CA ALA A 275 -4.57 -13.86 -21.26
C ALA A 275 -4.48 -14.47 -22.65
N ILE A 276 -3.30 -14.38 -23.26
CA ILE A 276 -2.98 -15.04 -24.55
C ILE A 276 -2.50 -16.43 -24.15
N ALA A 277 -3.31 -17.46 -24.41
CA ALA A 277 -3.05 -18.83 -23.92
C ALA A 277 -3.06 -19.81 -25.11
N TYR A 278 -2.24 -20.86 -25.01
CA TYR A 278 -2.25 -21.99 -25.98
C TYR A 278 -3.53 -22.81 -25.79
N LEU A 279 -4.27 -23.00 -26.88
CA LEU A 279 -5.54 -23.80 -26.90
C LEU A 279 -5.24 -25.24 -27.36
N GLU A 280 -5.98 -26.21 -26.82
CA GLU A 280 -5.99 -27.63 -27.27
C GLU A 280 -7.44 -28.11 -27.19
N GLY A 281 -8.30 -27.52 -28.03
CA GLY A 281 -9.73 -27.89 -28.14
C GLY A 281 -10.67 -26.82 -27.63
N GLU A 282 -10.23 -25.92 -26.73
CA GLU A 282 -11.13 -24.86 -26.16
C GLU A 282 -11.64 -23.99 -27.32
N TYR A 283 -12.95 -23.74 -27.35
CA TYR A 283 -13.67 -22.86 -28.30
C TYR A 283 -13.72 -23.46 -29.71
N GLY A 284 -13.20 -24.68 -29.91
CA GLY A 284 -13.09 -25.33 -31.22
C GLY A 284 -11.67 -25.35 -31.76
N TYR A 285 -10.73 -24.62 -31.15
CA TYR A 285 -9.45 -24.29 -31.82
C TYR A 285 -8.34 -25.05 -31.10
N GLU A 286 -7.26 -25.34 -31.83
CA GLU A 286 -6.08 -26.09 -31.34
C GLU A 286 -4.82 -25.61 -32.08
N GLY A 287 -3.65 -25.83 -31.50
CA GLY A 287 -2.33 -25.41 -32.00
C GLY A 287 -2.16 -23.90 -32.21
N ILE A 288 -2.88 -23.04 -31.48
CA ILE A 288 -2.75 -21.56 -31.62
C ILE A 288 -2.78 -20.89 -30.24
N TYR A 289 -2.23 -19.68 -30.14
CA TYR A 289 -2.37 -18.79 -28.97
C TYR A 289 -3.51 -17.82 -29.29
N LEU A 290 -4.42 -17.62 -28.33
CA LEU A 290 -5.57 -16.72 -28.49
C LEU A 290 -5.92 -16.03 -27.17
N GLY A 291 -6.37 -14.79 -27.24
CA GLY A 291 -6.87 -14.06 -26.06
C GLY A 291 -8.16 -14.70 -25.56
N VAL A 292 -8.10 -15.34 -24.39
CA VAL A 292 -9.21 -16.14 -23.76
C VAL A 292 -9.21 -15.84 -22.27
N PRO A 293 -10.36 -15.97 -21.56
CA PRO A 293 -10.37 -15.92 -20.10
C PRO A 293 -9.67 -17.16 -19.52
N THR A 294 -8.96 -16.94 -18.43
CA THR A 294 -7.94 -17.83 -17.84
C THR A 294 -8.08 -17.72 -16.31
N ILE A 295 -7.86 -18.81 -15.57
CA ILE A 295 -7.50 -18.72 -14.13
C ILE A 295 -5.98 -18.62 -14.09
N LEU A 296 -5.44 -17.61 -13.45
CA LEU A 296 -3.98 -17.33 -13.41
C LEU A 296 -3.51 -17.43 -11.96
N GLY A 297 -2.60 -18.36 -11.68
CA GLY A 297 -2.06 -18.57 -10.33
C GLY A 297 -0.64 -19.09 -10.35
N GLY A 298 -0.26 -19.74 -9.26
CA GLY A 298 1.10 -20.23 -8.97
C GLY A 298 1.64 -21.22 -9.99
N ASN A 299 0.77 -21.90 -10.76
CA ASN A 299 1.21 -22.80 -11.87
C ASN A 299 0.92 -22.12 -13.21
N GLY A 300 0.81 -20.78 -13.20
CA GLY A 300 0.61 -19.99 -14.43
C GLY A 300 -0.82 -20.11 -14.91
N ILE A 301 -1.04 -20.52 -16.16
CA ILE A 301 -2.43 -20.75 -16.67
C ILE A 301 -2.93 -22.02 -15.99
N GLU A 302 -3.84 -21.85 -15.02
CA GLU A 302 -4.43 -22.97 -14.23
C GLU A 302 -5.49 -23.65 -15.10
N LYS A 303 -6.25 -22.87 -15.88
CA LYS A 303 -7.11 -23.41 -16.95
C LYS A 303 -7.53 -22.26 -17.88
N VAL A 304 -7.98 -22.62 -19.08
CA VAL A 304 -8.68 -21.73 -20.03
C VAL A 304 -10.17 -21.88 -19.71
N ILE A 305 -10.89 -20.78 -19.49
CA ILE A 305 -12.36 -20.79 -19.24
C ILE A 305 -13.06 -20.79 -20.60
N GLU A 306 -14.04 -21.68 -20.77
CA GLU A 306 -14.85 -21.88 -21.99
C GLU A 306 -16.25 -21.34 -21.76
N LEU A 307 -16.56 -20.18 -22.32
CA LEU A 307 -17.92 -19.59 -22.23
C LEU A 307 -18.83 -20.29 -23.22
N GLU A 308 -20.13 -20.17 -23.03
CA GLU A 308 -21.14 -20.42 -24.08
C GLU A 308 -21.28 -19.12 -24.87
N LEU A 309 -20.89 -19.09 -26.14
CA LEU A 309 -20.95 -17.86 -26.98
C LEU A 309 -22.21 -17.92 -27.85
N THR A 310 -22.75 -16.74 -28.19
CA THR A 310 -23.84 -16.57 -29.17
C THR A 310 -23.29 -16.87 -30.56
N GLU A 311 -24.17 -16.98 -31.56
CA GLU A 311 -23.74 -17.27 -32.96
C GLU A 311 -22.90 -16.09 -33.46
N GLU A 312 -23.32 -14.84 -33.17
CA GLU A 312 -22.59 -13.60 -33.56
C GLU A 312 -21.19 -13.65 -32.94
N GLU A 313 -21.09 -14.02 -31.67
CA GLU A 313 -19.82 -14.04 -30.93
C GLU A 313 -18.92 -15.10 -31.55
N LYS A 314 -19.45 -16.31 -31.81
CA LYS A 314 -18.65 -17.44 -32.34
C LYS A 314 -18.00 -17.02 -33.67
N ALA A 315 -18.73 -16.26 -34.47
CA ALA A 315 -18.33 -15.85 -35.83
C ALA A 315 -17.37 -14.66 -35.73
N ALA A 316 -17.48 -13.81 -34.69
CA ALA A 316 -16.49 -12.72 -34.44
C ALA A 316 -15.16 -13.37 -34.03
N LEU A 317 -15.22 -14.40 -33.19
CA LEU A 317 -14.04 -15.18 -32.75
C LEU A 317 -13.42 -15.99 -33.88
N ALA A 318 -14.23 -16.62 -34.75
CA ALA A 318 -13.71 -17.38 -35.92
C ALA A 318 -12.88 -16.43 -36.79
N LYS A 319 -13.40 -15.23 -37.05
CA LYS A 319 -12.70 -14.17 -37.84
C LYS A 319 -11.41 -13.76 -37.13
N SER A 320 -11.42 -13.63 -35.79
CA SER A 320 -10.23 -13.27 -34.99
C SER A 320 -9.20 -14.38 -35.15
N VAL A 321 -9.60 -15.65 -34.97
CA VAL A 321 -8.72 -16.85 -35.14
C VAL A 321 -8.11 -16.85 -36.54
N GLU A 322 -8.86 -16.39 -37.57
CA GLU A 322 -8.39 -16.40 -38.99
C GLU A 322 -7.25 -15.38 -39.12
N SER A 323 -7.41 -14.21 -38.50
CA SER A 323 -6.34 -13.19 -38.40
C SER A 323 -5.10 -13.76 -37.69
N VAL A 324 -5.28 -14.54 -36.62
CA VAL A 324 -4.18 -15.18 -35.85
C VAL A 324 -3.48 -16.23 -36.74
N LYS A 325 -4.23 -17.09 -37.45
CA LYS A 325 -3.63 -18.13 -38.34
C LYS A 325 -2.76 -17.42 -39.39
N ASN A 326 -3.26 -16.30 -39.93
CA ASN A 326 -2.60 -15.46 -40.96
C ASN A 326 -1.23 -15.01 -40.45
N VAL A 327 -1.12 -14.50 -39.22
CA VAL A 327 0.18 -14.03 -38.67
C VAL A 327 1.09 -15.24 -38.49
N MET A 328 0.57 -16.40 -38.07
CA MET A 328 1.40 -17.60 -37.81
C MET A 328 2.06 -18.08 -39.11
N ARG A 329 1.41 -17.84 -40.26
CA ARG A 329 1.93 -18.21 -41.61
C ARG A 329 3.07 -17.28 -42.02
N MET A 330 3.22 -16.11 -41.37
CA MET A 330 4.34 -15.16 -41.62
C MET A 330 5.62 -15.64 -40.93
N LEU A 331 5.50 -16.46 -39.88
CA LEU A 331 6.66 -17.06 -39.14
C LEU A 331 7.48 -17.97 -40.07
N GLU A 332 8.78 -18.09 -39.83
CA GLU A 332 9.72 -18.95 -40.61
C GLU A 332 9.93 -20.26 -39.86
N ALA B 22 -3.40 26.62 4.42
CA ALA B 22 -2.66 25.52 5.13
C ALA B 22 -3.38 24.18 4.92
N MET B 23 -2.62 23.15 4.55
CA MET B 23 -3.10 21.75 4.41
C MET B 23 -3.35 21.19 5.82
N LYS B 24 -4.50 20.52 5.98
CA LYS B 24 -5.03 20.02 7.27
C LYS B 24 -5.48 18.58 7.06
N ARG B 25 -5.20 17.70 8.02
CA ARG B 25 -5.67 16.30 7.91
C ARG B 25 -7.20 16.30 7.96
N LYS B 26 -7.81 15.35 7.27
CA LYS B 26 -9.22 14.95 7.53
C LYS B 26 -9.34 14.54 9.00
N LYS B 27 -10.52 14.72 9.58
CA LYS B 27 -10.80 14.28 10.96
C LYS B 27 -12.01 13.34 10.95
N ILE B 28 -11.85 12.16 11.52
CA ILE B 28 -12.90 11.11 11.62
C ILE B 28 -13.16 10.84 13.11
N SER B 29 -14.39 11.01 13.57
CA SER B 29 -14.78 10.54 14.92
C SER B 29 -15.52 9.21 14.76
N VAL B 30 -15.11 8.23 15.56
CA VAL B 30 -15.77 6.90 15.66
C VAL B 30 -16.48 6.84 17.00
N ILE B 31 -17.81 6.77 16.97
CA ILE B 31 -18.65 6.73 18.21
C ILE B 31 -18.93 5.27 18.55
N GLY B 32 -18.52 4.88 19.76
CA GLY B 32 -18.53 3.49 20.24
C GLY B 32 -17.16 2.90 20.05
N ALA B 33 -16.47 2.56 21.13
CA ALA B 33 -15.09 2.03 21.15
C ALA B 33 -15.10 0.54 21.48
N GLY B 34 -16.14 -0.18 21.06
CA GLY B 34 -16.22 -1.65 21.14
C GLY B 34 -15.41 -2.30 20.05
N PHE B 35 -15.64 -3.58 19.81
CA PHE B 35 -14.91 -4.39 18.80
C PHE B 35 -14.96 -3.71 17.42
N THR B 36 -16.15 -3.32 16.95
CA THR B 36 -16.32 -2.78 15.57
C THR B 36 -15.69 -1.39 15.49
N GLY B 37 -16.03 -0.48 16.43
CA GLY B 37 -15.47 0.88 16.53
C GLY B 37 -13.95 0.92 16.59
N ALA B 38 -13.34 0.14 17.47
CA ALA B 38 -11.86 0.08 17.63
C ALA B 38 -11.26 -0.48 16.34
N THR B 39 -11.80 -1.58 15.83
CA THR B 39 -11.24 -2.23 14.61
C THR B 39 -11.25 -1.22 13.47
N THR B 40 -12.35 -0.46 13.36
CA THR B 40 -12.58 0.61 12.36
C THR B 40 -11.55 1.71 12.56
N ALA B 41 -11.40 2.21 13.78
CA ALA B 41 -10.44 3.31 14.09
C ALA B 41 -9.04 2.89 13.63
N PHE B 42 -8.64 1.65 13.95
CA PHE B 42 -7.26 1.17 13.64
C PHE B 42 -7.03 1.14 12.12
N LEU B 43 -8.00 0.64 11.34
CA LEU B 43 -7.90 0.55 9.85
C LEU B 43 -7.83 1.97 9.28
N LEU B 44 -8.65 2.89 9.79
CA LEU B 44 -8.66 4.29 9.29
C LEU B 44 -7.29 4.91 9.50
N ALA B 45 -6.67 4.72 10.68
CA ALA B 45 -5.33 5.24 11.04
C ALA B 45 -4.26 4.62 10.16
N GLN B 46 -4.25 3.30 9.98
CA GLN B 46 -3.14 2.64 9.24
C GLN B 46 -3.23 3.06 7.77
N LYS B 47 -4.41 3.51 7.30
CA LYS B 47 -4.57 3.95 5.89
C LYS B 47 -4.27 5.46 5.76
N GLU B 48 -4.02 6.16 6.87
CA GLU B 48 -3.71 7.63 6.89
C GLU B 48 -4.87 8.35 6.21
N LEU B 49 -6.10 7.90 6.47
CA LEU B 49 -7.30 8.58 5.94
C LEU B 49 -7.56 9.85 6.76
N GLY B 50 -6.98 9.99 7.96
CA GLY B 50 -7.14 11.20 8.78
C GLY B 50 -6.77 10.97 10.24
N ASP B 51 -6.97 11.99 11.07
CA ASP B 51 -6.86 11.86 12.55
C ASP B 51 -8.14 11.20 13.04
N VAL B 52 -8.03 10.28 13.99
CA VAL B 52 -9.21 9.49 14.48
C VAL B 52 -9.48 9.88 15.93
N VAL B 53 -10.73 10.21 16.20
CA VAL B 53 -11.22 10.43 17.59
C VAL B 53 -12.19 9.29 17.89
N LEU B 54 -11.83 8.49 18.91
CA LEU B 54 -12.58 7.31 19.39
C LEU B 54 -13.33 7.68 20.67
N VAL B 55 -14.66 7.63 20.60
CA VAL B 55 -15.57 8.13 21.67
C VAL B 55 -16.32 6.94 22.26
N ASP B 56 -16.41 6.89 23.58
CA ASP B 56 -17.37 5.98 24.26
C ASP B 56 -17.97 6.72 25.45
N ILE B 57 -18.77 6.02 26.24
CA ILE B 57 -19.48 6.59 27.42
C ILE B 57 -18.46 6.97 28.50
N PRO B 58 -18.80 7.95 29.37
CA PRO B 58 -17.88 8.35 30.44
C PRO B 58 -17.34 7.17 31.25
N GLN B 59 -18.16 6.15 31.53
CA GLN B 59 -17.76 5.01 32.39
C GLN B 59 -16.62 4.24 31.73
N LEU B 60 -16.43 4.33 30.40
CA LEU B 60 -15.41 3.55 29.63
C LEU B 60 -14.39 4.51 29.00
N GLU B 61 -14.27 5.71 29.57
CA GLU B 61 -13.23 6.71 29.20
C GLU B 61 -11.85 6.03 29.16
N ASN B 62 -11.41 5.44 30.27
CA ASN B 62 -10.02 4.92 30.42
C ASN B 62 -9.77 3.75 29.47
N PRO B 63 -10.62 2.70 29.38
CA PRO B 63 -10.36 1.67 28.37
C PRO B 63 -10.31 2.22 26.93
N THR B 64 -11.10 3.26 26.63
CA THR B 64 -11.17 3.90 25.30
C THR B 64 -9.86 4.66 25.06
N LYS B 65 -9.28 5.29 26.09
CA LYS B 65 -7.97 5.95 25.92
C LYS B 65 -6.88 4.90 25.76
N GLY B 66 -6.99 3.79 26.48
CA GLY B 66 -5.99 2.71 26.38
C GLY B 66 -5.95 2.14 24.97
N LYS B 67 -7.11 1.93 24.37
CA LYS B 67 -7.21 1.34 23.02
C LYS B 67 -6.57 2.30 22.01
N ALA B 68 -6.91 3.59 22.11
CA ALA B 68 -6.43 4.68 21.24
C ALA B 68 -4.90 4.76 21.35
N LEU B 69 -4.34 4.77 22.57
CA LEU B 69 -2.88 4.88 22.79
C LEU B 69 -2.20 3.60 22.32
N ASP B 70 -2.84 2.44 22.48
CA ASP B 70 -2.28 1.17 21.97
C ASP B 70 -2.14 1.28 20.44
N MET B 71 -3.18 1.77 19.77
CA MET B 71 -3.21 1.94 18.29
C MET B 71 -2.10 2.93 17.91
N LEU B 72 -2.00 4.06 18.62
CA LEU B 72 -1.03 5.13 18.32
C LEU B 72 0.41 4.59 18.42
N GLU B 73 0.65 3.74 19.41
CA GLU B 73 1.99 3.13 19.67
C GLU B 73 2.33 2.10 18.58
N ALA B 74 1.37 1.64 17.78
CA ALA B 74 1.67 0.82 16.57
C ALA B 74 2.20 1.69 15.43
N SER B 75 1.95 3.01 15.41
CA SER B 75 2.17 3.89 14.23
C SER B 75 3.63 3.89 13.76
N PRO B 76 4.66 3.98 14.63
CA PRO B 76 6.05 3.90 14.15
C PRO B 76 6.42 2.55 13.55
N VAL B 77 5.82 1.46 14.03
CA VAL B 77 6.14 0.09 13.54
C VAL B 77 5.49 -0.07 12.17
N LEU B 78 4.19 0.26 12.05
CA LEU B 78 3.43 0.03 10.79
C LEU B 78 3.74 1.17 9.81
N GLY B 79 4.20 2.33 10.28
CA GLY B 79 4.69 3.39 9.39
C GLY B 79 3.56 4.29 8.91
N PHE B 80 2.65 4.71 9.81
CA PHE B 80 1.55 5.64 9.45
C PHE B 80 1.69 6.87 10.33
N ASP B 81 1.46 8.05 9.75
CA ASP B 81 1.23 9.33 10.48
C ASP B 81 -0.28 9.54 10.62
N ALA B 82 -0.79 9.37 11.84
CA ALA B 82 -2.19 9.63 12.22
C ALA B 82 -2.24 9.88 13.72
N ASN B 83 -3.00 10.87 14.17
CA ASN B 83 -3.37 11.06 15.59
C ASN B 83 -4.53 10.12 15.89
N ILE B 84 -4.47 9.45 17.04
CA ILE B 84 -5.60 8.67 17.60
C ILE B 84 -5.74 9.05 19.06
N ILE B 85 -6.92 9.52 19.49
CA ILE B 85 -7.22 9.83 20.91
C ILE B 85 -8.55 9.19 21.29
N GLY B 86 -8.65 8.82 22.56
CA GLY B 86 -9.82 8.15 23.16
C GLY B 86 -10.44 9.12 24.10
N THR B 87 -11.77 9.27 24.07
CA THR B 87 -12.44 10.35 24.82
C THR B 87 -13.87 9.94 25.14
N SER B 88 -14.46 10.66 26.12
CA SER B 88 -15.91 10.65 26.46
C SER B 88 -16.50 12.04 26.22
N ASP B 89 -15.66 13.01 25.84
CA ASP B 89 -16.02 14.42 25.64
C ASP B 89 -16.19 14.71 24.15
N TYR B 90 -17.42 14.97 23.70
CA TYR B 90 -17.77 15.24 22.28
C TYR B 90 -17.11 16.53 21.76
N ALA B 91 -16.59 17.39 22.65
CA ALA B 91 -15.80 18.60 22.29
C ALA B 91 -14.57 18.17 21.49
N ASP B 92 -14.07 16.97 21.72
CA ASP B 92 -12.89 16.42 21.00
C ASP B 92 -13.31 16.05 19.56
N THR B 93 -14.60 15.90 19.26
CA THR B 93 -15.05 15.54 17.88
C THR B 93 -15.29 16.78 17.02
N ALA B 94 -15.06 18.00 17.53
CA ALA B 94 -15.40 19.25 16.80
C ALA B 94 -14.79 19.22 15.39
N ASP B 95 -15.55 19.63 14.37
CA ASP B 95 -15.07 19.86 12.98
C ASP B 95 -14.60 18.52 12.39
N SER B 96 -15.23 17.40 12.78
CA SER B 96 -15.07 16.07 12.14
C SER B 96 -15.61 16.16 10.71
N ASP B 97 -14.93 15.58 9.72
CA ASP B 97 -15.45 15.53 8.34
C ASP B 97 -16.47 14.41 8.22
N ILE B 98 -16.20 13.31 8.92
CA ILE B 98 -17.01 12.06 8.94
C ILE B 98 -17.15 11.60 10.38
N VAL B 99 -18.36 11.16 10.75
CA VAL B 99 -18.62 10.50 12.04
C VAL B 99 -19.24 9.15 11.73
N VAL B 100 -18.64 8.10 12.27
CA VAL B 100 -19.07 6.68 12.19
C VAL B 100 -19.72 6.31 13.54
N ILE B 101 -21.02 6.00 13.53
CA ILE B 101 -21.80 5.62 14.75
C ILE B 101 -21.88 4.10 14.81
N THR B 102 -21.11 3.51 15.72
CA THR B 102 -21.18 2.07 16.11
C THR B 102 -21.75 1.93 17.53
N ALA B 103 -22.16 3.02 18.18
CA ALA B 103 -22.68 2.99 19.56
C ALA B 103 -23.97 2.17 19.56
N GLY B 104 -24.18 1.39 20.60
CA GLY B 104 -25.35 0.50 20.67
C GLY B 104 -25.22 -0.55 21.76
N ILE B 105 -26.31 -1.29 21.93
CA ILE B 105 -26.47 -2.34 22.98
C ILE B 105 -26.91 -3.60 22.23
N ALA B 106 -26.36 -4.76 22.59
CA ALA B 106 -26.81 -6.08 22.10
C ALA B 106 -28.10 -6.47 22.84
N ARG B 107 -28.92 -7.35 22.27
CA ARG B 107 -30.15 -7.85 22.95
C ARG B 107 -29.71 -8.64 24.18
N LYS B 108 -29.98 -8.11 25.37
CA LYS B 108 -29.77 -8.82 26.67
C LYS B 108 -30.80 -9.93 26.77
N PRO B 109 -30.46 -11.11 27.36
CA PRO B 109 -31.49 -12.10 27.67
C PRO B 109 -32.56 -11.49 28.61
N GLY B 110 -33.84 -11.66 28.26
CA GLY B 110 -35.01 -11.14 29.00
C GLY B 110 -35.38 -9.72 28.63
N MET B 111 -35.10 -9.33 27.37
CA MET B 111 -35.41 -7.98 26.79
C MET B 111 -36.28 -8.23 25.56
N SER B 112 -37.36 -7.49 25.36
CA SER B 112 -38.14 -7.55 24.10
C SER B 112 -37.30 -6.94 22.96
N ARG B 113 -37.65 -7.27 21.71
CA ARG B 113 -37.11 -6.61 20.49
C ARG B 113 -37.56 -5.15 20.52
N ASP B 114 -38.77 -4.89 21.00
CA ASP B 114 -39.32 -3.52 21.12
C ASP B 114 -38.37 -2.68 21.98
N ASP B 115 -37.96 -3.22 23.13
CA ASP B 115 -37.10 -2.51 24.11
C ASP B 115 -35.72 -2.31 23.49
N LEU B 116 -35.14 -3.36 22.89
CA LEU B 116 -33.84 -3.33 22.14
C LEU B 116 -33.85 -2.14 21.17
N VAL B 117 -34.88 -2.01 20.33
CA VAL B 117 -35.01 -0.98 19.25
C VAL B 117 -35.12 0.41 19.89
N THR B 118 -35.93 0.51 20.93
CA THR B 118 -36.26 1.76 21.64
C THR B 118 -34.99 2.22 22.38
N THR B 119 -34.21 1.31 22.96
CA THR B 119 -32.94 1.63 23.68
C THR B 119 -31.93 2.21 22.66
N ASN B 120 -31.74 1.53 21.54
CA ASN B 120 -30.78 1.93 20.48
C ASN B 120 -31.24 3.25 19.88
N GLN B 121 -32.57 3.45 19.67
CA GLN B 121 -33.15 4.73 19.19
C GLN B 121 -32.76 5.89 20.12
N LYS B 122 -32.87 5.66 21.42
CA LYS B 122 -32.53 6.64 22.47
C LYS B 122 -31.04 7.01 22.34
N ILE B 123 -30.18 6.00 22.16
CA ILE B 123 -28.71 6.17 21.98
C ILE B 123 -28.46 6.97 20.71
N MET B 124 -29.11 6.64 19.59
CA MET B 124 -28.97 7.39 18.32
C MET B 124 -29.35 8.85 18.53
N LYS B 125 -30.44 9.15 19.25
CA LYS B 125 -30.91 10.54 19.49
C LYS B 125 -29.85 11.35 20.27
N GLN B 126 -29.35 10.78 21.36
CA GLN B 126 -28.38 11.42 22.28
C GLN B 126 -27.03 11.60 21.56
N VAL B 127 -26.53 10.56 20.92
CA VAL B 127 -25.23 10.63 20.15
C VAL B 127 -25.35 11.73 19.08
N THR B 128 -26.42 11.72 18.28
CA THR B 128 -26.58 12.60 17.09
C THR B 128 -26.60 14.07 17.51
N LYS B 129 -27.28 14.34 18.62
CA LYS B 129 -27.46 15.71 19.17
C LYS B 129 -26.07 16.28 19.52
N GLU B 130 -25.22 15.49 20.18
CA GLU B 130 -23.83 15.91 20.53
C GLU B 130 -22.98 16.00 19.26
N VAL B 131 -23.06 15.02 18.36
CA VAL B 131 -22.27 15.00 17.08
C VAL B 131 -22.50 16.29 16.27
N VAL B 132 -23.75 16.72 16.08
CA VAL B 132 -24.09 17.84 15.16
C VAL B 132 -23.87 19.19 15.85
N LYS B 133 -23.98 19.23 17.18
CA LYS B 133 -23.60 20.42 17.99
C LYS B 133 -22.17 20.81 17.63
N TYR B 134 -21.26 19.83 17.56
CA TYR B 134 -19.79 20.05 17.46
C TYR B 134 -19.29 19.86 16.02
N SER B 135 -20.05 19.21 15.13
CA SER B 135 -19.65 18.97 13.72
C SER B 135 -20.86 19.20 12.83
N PRO B 136 -21.36 20.46 12.70
CA PRO B 136 -22.60 20.71 11.95
C PRO B 136 -22.49 20.40 10.45
N ASN B 137 -21.28 20.18 9.91
CA ASN B 137 -21.04 20.00 8.45
C ASN B 137 -20.63 18.56 8.10
N CYS B 138 -20.72 17.60 9.03
CA CYS B 138 -20.10 16.27 8.87
C CYS B 138 -21.00 15.36 8.04
N TYR B 139 -20.42 14.31 7.46
CA TYR B 139 -21.19 13.15 6.92
C TYR B 139 -21.29 12.13 8.05
N ILE B 140 -22.39 11.37 8.14
CA ILE B 140 -22.61 10.35 9.22
C ILE B 140 -22.89 9.00 8.56
N ILE B 141 -22.14 8.00 9.00
CA ILE B 141 -22.27 6.60 8.56
C ILE B 141 -22.66 5.78 9.80
N VAL B 142 -23.79 5.06 9.73
CA VAL B 142 -24.39 4.37 10.91
C VAL B 142 -24.24 2.86 10.72
N LEU B 143 -23.75 2.15 11.74
CA LEU B 143 -23.71 0.66 11.78
C LEU B 143 -24.86 0.12 12.64
N THR B 144 -25.33 0.89 13.62
CA THR B 144 -26.12 0.38 14.79
C THR B 144 -27.35 -0.31 14.23
N ASN B 145 -27.58 -1.55 14.62
CA ASN B 145 -28.77 -2.36 14.19
C ASN B 145 -29.95 -2.07 15.12
N PRO B 146 -31.20 -2.04 14.60
CA PRO B 146 -31.46 -2.28 13.17
C PRO B 146 -31.14 -1.05 12.31
N VAL B 147 -30.25 -1.18 11.33
CA VAL B 147 -29.59 -0.03 10.64
C VAL B 147 -30.62 0.84 9.91
N ASP B 148 -31.66 0.27 9.31
CA ASP B 148 -32.70 1.05 8.58
C ASP B 148 -33.39 2.04 9.55
N ALA B 149 -33.91 1.57 10.67
CA ALA B 149 -34.60 2.43 11.67
C ALA B 149 -33.58 3.32 12.40
N MET B 150 -32.41 2.80 12.77
CA MET B 150 -31.40 3.61 13.51
C MET B 150 -30.85 4.73 12.60
N THR B 151 -30.63 4.46 11.31
CA THR B 151 -30.14 5.50 10.36
C THR B 151 -31.22 6.60 10.25
N TYR B 152 -32.49 6.22 10.03
CA TYR B 152 -33.65 7.14 10.01
C TYR B 152 -33.67 8.03 11.25
N THR B 153 -33.47 7.45 12.43
CA THR B 153 -33.40 8.21 13.70
C THR B 153 -32.25 9.24 13.61
N VAL B 154 -31.06 8.83 13.19
CA VAL B 154 -29.91 9.78 13.05
C VAL B 154 -30.31 10.89 12.08
N PHE B 155 -30.90 10.51 10.94
CA PHE B 155 -31.36 11.46 9.90
C PHE B 155 -32.35 12.45 10.53
N LYS B 156 -33.42 11.96 11.17
CA LYS B 156 -34.49 12.86 11.70
C LYS B 156 -33.90 13.76 12.78
N GLU B 157 -33.08 13.23 13.68
CA GLU B 157 -32.47 13.99 14.80
C GLU B 157 -31.49 15.05 14.27
N SER B 158 -30.70 14.75 13.24
CA SER B 158 -29.58 15.64 12.79
C SER B 158 -30.12 16.93 12.17
N GLY B 159 -31.25 16.86 11.48
CA GLY B 159 -31.69 17.98 10.62
C GLY B 159 -30.86 18.10 9.34
N PHE B 160 -29.96 17.15 9.05
CA PHE B 160 -29.07 17.15 7.85
C PHE B 160 -29.87 16.74 6.61
N PRO B 161 -29.49 17.20 5.39
CA PRO B 161 -30.08 16.66 4.17
C PRO B 161 -29.63 15.20 4.01
N LYS B 162 -30.40 14.44 3.23
CA LYS B 162 -30.37 12.95 3.15
C LYS B 162 -29.01 12.42 2.65
N ASN B 163 -28.30 13.21 1.84
CA ASN B 163 -27.04 12.80 1.15
C ASN B 163 -25.94 12.65 2.21
N ARG B 164 -26.11 13.30 3.38
CA ARG B 164 -25.09 13.31 4.47
C ARG B 164 -25.37 12.27 5.57
N VAL B 165 -26.45 11.49 5.50
CA VAL B 165 -26.72 10.48 6.58
C VAL B 165 -26.97 9.12 5.94
N ILE B 166 -26.12 8.16 6.27
CA ILE B 166 -25.95 6.92 5.47
C ILE B 166 -25.81 5.75 6.43
N GLY B 167 -26.39 4.60 6.11
CA GLY B 167 -26.12 3.36 6.88
C GLY B 167 -25.34 2.36 6.09
N GLN B 168 -24.65 1.45 6.80
CA GLN B 168 -23.92 0.29 6.25
C GLN B 168 -24.84 -0.93 6.36
N SER B 169 -24.96 -1.71 5.29
CA SER B 169 -25.58 -3.06 5.34
C SER B 169 -25.10 -3.95 4.20
N GLY B 170 -25.35 -3.54 2.95
CA GLY B 170 -25.12 -4.39 1.77
C GLY B 170 -23.65 -4.70 1.55
N VAL B 171 -22.75 -3.78 1.95
CA VAL B 171 -21.29 -4.00 1.73
C VAL B 171 -20.92 -5.25 2.49
N LEU B 172 -21.35 -5.33 3.75
CA LEU B 172 -21.03 -6.51 4.60
C LEU B 172 -21.65 -7.78 4.02
N ASP B 173 -22.89 -7.74 3.49
CA ASP B 173 -23.56 -8.93 2.92
C ASP B 173 -22.86 -9.37 1.63
N THR B 174 -22.48 -8.43 0.75
CA THR B 174 -21.74 -8.72 -0.50
C THR B 174 -20.36 -9.28 -0.17
N ALA B 175 -19.73 -8.82 0.90
CA ALA B 175 -18.42 -9.35 1.34
C ALA B 175 -18.54 -10.84 1.72
N ARG B 176 -19.53 -11.23 2.52
CA ARG B 176 -19.66 -12.67 2.89
C ARG B 176 -19.99 -13.48 1.64
N PHE B 177 -20.94 -13.01 0.84
CA PHE B 177 -21.37 -13.67 -0.41
C PHE B 177 -20.14 -13.98 -1.27
N ARG B 178 -19.27 -12.98 -1.42
CA ARG B 178 -18.05 -13.04 -2.28
C ARG B 178 -17.07 -14.06 -1.72
N THR B 179 -16.86 -14.04 -0.39
CA THR B 179 -16.00 -15.02 0.33
C THR B 179 -16.47 -16.45 0.02
N PHE B 180 -17.77 -16.72 0.14
CA PHE B 180 -18.38 -18.06 -0.08
C PHE B 180 -18.24 -18.45 -1.56
N VAL B 181 -18.50 -17.52 -2.47
CA VAL B 181 -18.37 -17.82 -3.93
C VAL B 181 -16.89 -18.12 -4.23
N ALA B 182 -15.97 -17.29 -3.73
CA ALA B 182 -14.52 -17.47 -3.91
C ALA B 182 -14.13 -18.90 -3.51
N GLU B 183 -14.54 -19.33 -2.32
CA GLU B 183 -14.28 -20.70 -1.81
C GLU B 183 -14.90 -21.71 -2.78
N GLU B 184 -16.16 -21.52 -3.20
CA GLU B 184 -16.86 -22.50 -4.07
C GLU B 184 -16.04 -22.71 -5.35
N LEU B 185 -15.50 -21.63 -5.93
CA LEU B 185 -14.89 -21.65 -7.29
C LEU B 185 -13.36 -21.75 -7.21
N ASN B 186 -12.79 -21.68 -6.00
CA ASN B 186 -11.32 -21.61 -5.77
C ASN B 186 -10.72 -20.51 -6.70
N ILE B 187 -11.16 -19.26 -6.54
CA ILE B 187 -10.62 -18.05 -7.24
C ILE B 187 -10.46 -16.91 -6.22
N SER B 188 -9.75 -15.85 -6.61
CA SER B 188 -9.63 -14.56 -5.89
C SER B 188 -11.00 -13.92 -5.65
N VAL B 189 -11.27 -13.52 -4.40
CA VAL B 189 -12.45 -12.71 -4.02
C VAL B 189 -12.47 -11.45 -4.89
N LYS B 190 -11.32 -10.95 -5.31
CA LYS B 190 -11.24 -9.73 -6.16
C LYS B 190 -12.10 -9.90 -7.42
N ASP B 191 -12.25 -11.11 -7.94
CA ASP B 191 -12.94 -11.33 -9.24
C ASP B 191 -14.39 -11.73 -9.03
N VAL B 192 -14.89 -11.75 -7.79
CA VAL B 192 -16.32 -12.09 -7.51
C VAL B 192 -17.09 -10.81 -7.18
N THR B 193 -18.34 -10.74 -7.62
CA THR B 193 -19.24 -9.58 -7.36
C THR B 193 -20.59 -10.13 -6.90
N GLY B 194 -21.19 -9.47 -5.91
CA GLY B 194 -22.53 -9.77 -5.39
C GLY B 194 -23.40 -8.56 -5.57
N PHE B 195 -24.71 -8.75 -5.60
CA PHE B 195 -25.66 -7.63 -5.72
C PHE B 195 -26.76 -7.87 -4.68
N VAL B 196 -26.93 -6.97 -3.70
CA VAL B 196 -28.02 -7.13 -2.70
C VAL B 196 -28.70 -5.78 -2.44
N LEU B 197 -30.02 -5.83 -2.48
CA LEU B 197 -30.94 -4.74 -2.06
C LEU B 197 -31.44 -5.16 -0.68
N GLY B 198 -32.02 -4.22 0.05
CA GLY B 198 -32.58 -4.48 1.38
C GLY B 198 -31.52 -4.81 2.41
N GLY B 199 -31.97 -5.36 3.55
CA GLY B 199 -31.15 -5.56 4.77
C GLY B 199 -30.53 -6.94 4.87
N HIS B 200 -30.25 -7.35 6.11
CA HIS B 200 -29.72 -8.68 6.46
C HIS B 200 -30.86 -9.71 6.51
N GLY B 201 -30.50 -10.99 6.44
CA GLY B 201 -31.37 -12.11 6.86
C GLY B 201 -32.50 -12.33 5.86
N ASP B 202 -33.74 -12.45 6.35
CA ASP B 202 -34.93 -12.65 5.47
C ASP B 202 -35.20 -11.34 4.73
N ASP B 203 -34.73 -10.19 5.22
CA ASP B 203 -34.93 -8.87 4.54
C ASP B 203 -34.00 -8.73 3.34
N MET B 204 -33.01 -9.62 3.19
CA MET B 204 -32.03 -9.51 2.09
C MET B 204 -32.70 -9.88 0.76
N VAL B 205 -32.50 -9.04 -0.25
CA VAL B 205 -32.97 -9.28 -1.64
C VAL B 205 -31.76 -9.40 -2.56
N PRO B 206 -31.09 -10.57 -2.63
CA PRO B 206 -29.96 -10.76 -3.53
C PRO B 206 -30.48 -10.90 -4.96
N LEU B 207 -29.72 -10.37 -5.93
CA LEU B 207 -29.98 -10.53 -7.39
C LEU B 207 -28.83 -11.35 -7.93
N VAL B 208 -28.94 -12.68 -7.90
CA VAL B 208 -27.83 -13.60 -8.34
C VAL B 208 -27.55 -13.39 -9.83
N ARG B 209 -28.55 -12.91 -10.57
CA ARG B 209 -28.48 -12.60 -12.02
C ARG B 209 -27.49 -11.45 -12.27
N TYR B 210 -27.26 -10.56 -11.29
CA TYR B 210 -26.25 -9.46 -11.38
C TYR B 210 -25.05 -9.76 -10.44
N SER B 211 -24.76 -11.03 -10.23
CA SER B 211 -23.61 -11.54 -9.46
C SER B 211 -22.78 -12.45 -10.36
N TYR B 212 -21.46 -12.28 -10.36
CA TYR B 212 -20.55 -12.77 -11.43
C TYR B 212 -19.22 -13.23 -10.85
N ALA B 213 -18.50 -14.08 -11.61
CA ALA B 213 -17.07 -14.40 -11.47
C ALA B 213 -16.34 -14.03 -12.77
N GLY B 214 -15.40 -13.08 -12.70
CA GLY B 214 -14.76 -12.49 -13.89
C GLY B 214 -15.80 -12.10 -14.93
N GLY B 215 -16.93 -11.53 -14.47
CA GLY B 215 -18.02 -11.05 -15.34
C GLY B 215 -18.90 -12.18 -15.87
N ILE B 216 -18.65 -13.43 -15.49
CA ILE B 216 -19.47 -14.61 -15.87
C ILE B 216 -20.59 -14.81 -14.85
N PRO B 217 -21.88 -14.72 -15.25
CA PRO B 217 -22.98 -14.91 -14.30
C PRO B 217 -22.75 -16.19 -13.49
N LEU B 218 -22.93 -16.14 -12.17
CA LEU B 218 -22.64 -17.29 -11.26
C LEU B 218 -23.58 -18.47 -11.55
N GLU B 219 -24.79 -18.21 -12.05
CA GLU B 219 -25.82 -19.23 -12.43
C GLU B 219 -25.26 -20.19 -13.50
N LYS B 220 -24.20 -19.80 -14.22
CA LYS B 220 -23.58 -20.61 -15.29
C LYS B 220 -22.43 -21.46 -14.71
N LEU B 221 -21.87 -21.08 -13.55
CA LEU B 221 -20.65 -21.69 -12.97
C LEU B 221 -20.93 -22.53 -11.72
N ILE B 222 -22.07 -22.34 -11.06
CA ILE B 222 -22.39 -23.02 -9.78
C ILE B 222 -23.78 -23.62 -9.91
N PRO B 223 -23.99 -24.94 -9.68
CA PRO B 223 -25.34 -25.51 -9.74
C PRO B 223 -26.29 -24.85 -8.72
N LYS B 224 -27.59 -24.79 -9.05
CA LYS B 224 -28.63 -24.03 -8.32
C LYS B 224 -28.67 -24.41 -6.82
N ASP B 225 -28.53 -25.69 -6.45
CA ASP B 225 -28.65 -26.14 -5.04
C ASP B 225 -27.51 -25.52 -4.21
N ARG B 226 -26.26 -25.68 -4.66
CA ARG B 226 -25.04 -25.13 -4.00
C ARG B 226 -25.09 -23.59 -4.02
N LEU B 227 -25.61 -22.99 -5.08
CA LEU B 227 -25.72 -21.52 -5.19
C LEU B 227 -26.79 -20.97 -4.24
N ASP B 228 -27.99 -21.58 -4.20
CA ASP B 228 -29.04 -21.31 -3.19
C ASP B 228 -28.44 -21.44 -1.78
N ALA B 229 -27.59 -22.45 -1.52
CA ALA B 229 -26.94 -22.68 -0.19
C ALA B 229 -26.01 -21.50 0.15
N ILE B 230 -25.33 -20.93 -0.85
CA ILE B 230 -24.44 -19.74 -0.65
C ILE B 230 -25.32 -18.54 -0.31
N VAL B 231 -26.44 -18.37 -1.02
CA VAL B 231 -27.40 -17.26 -0.76
C VAL B 231 -27.91 -17.35 0.69
N GLU B 232 -28.36 -18.53 1.12
CA GLU B 232 -28.86 -18.80 2.49
C GLU B 232 -27.73 -18.60 3.54
N ARG B 233 -26.50 -19.01 3.25
CA ARG B 233 -25.39 -18.80 4.23
C ARG B 233 -25.11 -17.30 4.37
N THR B 234 -25.28 -16.51 3.29
CA THR B 234 -25.17 -15.03 3.35
C THR B 234 -26.29 -14.47 4.23
N ARG B 235 -27.54 -14.89 4.01
CA ARG B 235 -28.68 -14.48 4.89
C ARG B 235 -28.30 -14.70 6.36
N LYS B 236 -27.63 -15.81 6.66
CA LYS B 236 -27.41 -16.28 8.05
C LYS B 236 -26.04 -15.85 8.57
N GLY B 237 -25.29 -15.10 7.74
CA GLY B 237 -23.85 -14.83 7.87
C GLY B 237 -23.48 -14.19 9.20
N GLY B 238 -24.20 -13.15 9.62
CA GLY B 238 -24.09 -12.50 10.95
C GLY B 238 -24.27 -13.51 12.08
N GLY B 239 -25.28 -14.39 11.95
CA GLY B 239 -25.63 -15.44 12.91
C GLY B 239 -24.53 -16.50 13.00
N GLU B 240 -23.92 -16.85 11.87
CA GLU B 240 -22.85 -17.88 11.85
C GLU B 240 -21.70 -17.38 12.72
N ILE B 241 -21.33 -16.09 12.64
CA ILE B 241 -20.20 -15.56 13.45
C ILE B 241 -20.64 -15.44 14.92
N VAL B 242 -21.87 -14.97 15.21
CA VAL B 242 -22.42 -14.93 16.60
C VAL B 242 -22.30 -16.32 17.23
N ASN B 243 -22.75 -17.38 16.55
CA ASN B 243 -22.81 -18.78 17.10
C ASN B 243 -21.41 -19.37 17.28
N LEU B 244 -20.45 -18.97 16.43
CA LEU B 244 -19.05 -19.43 16.55
C LEU B 244 -18.36 -18.73 17.73
N LEU B 245 -18.60 -17.43 17.96
CA LEU B 245 -17.86 -16.69 19.03
C LEU B 245 -18.38 -17.03 20.43
N GLY B 246 -19.70 -17.30 20.60
CA GLY B 246 -20.31 -17.63 21.91
C GLY B 246 -20.76 -16.41 22.69
N ASN B 247 -19.96 -15.34 22.65
CA ASN B 247 -20.21 -13.99 23.24
C ASN B 247 -19.89 -12.94 22.17
N GLY B 248 -20.87 -12.15 21.75
CA GLY B 248 -20.65 -11.01 20.84
C GLY B 248 -20.82 -11.37 19.37
N SER B 249 -20.71 -10.36 18.50
CA SER B 249 -20.93 -10.45 17.04
C SER B 249 -19.65 -10.08 16.27
N ALA B 250 -19.70 -10.24 14.94
CA ALA B 250 -18.57 -10.00 14.02
C ALA B 250 -18.13 -8.54 14.12
N TYR B 251 -16.85 -8.27 13.86
CA TYR B 251 -16.28 -6.90 13.89
C TYR B 251 -15.25 -6.66 12.77
N TYR B 252 -14.45 -7.65 12.33
CA TYR B 252 -13.43 -7.44 11.28
C TYR B 252 -14.12 -7.02 9.98
N ALA B 253 -15.08 -7.82 9.50
CA ALA B 253 -15.72 -7.56 8.20
C ALA B 253 -16.63 -6.34 8.31
N PRO B 254 -17.46 -6.17 9.36
CA PRO B 254 -18.21 -4.92 9.53
C PRO B 254 -17.33 -3.66 9.56
N ALA B 255 -16.19 -3.67 10.27
CA ALA B 255 -15.25 -2.52 10.31
C ALA B 255 -14.74 -2.23 8.89
N ALA B 256 -14.34 -3.26 8.15
CA ALA B 256 -13.79 -3.11 6.77
C ALA B 256 -14.86 -2.47 5.89
N SER B 257 -16.13 -2.84 6.10
CA SER B 257 -17.29 -2.34 5.32
C SER B 257 -17.45 -0.85 5.60
N LEU B 258 -17.32 -0.46 6.86
CA LEU B 258 -17.42 0.97 7.25
C LEU B 258 -16.22 1.69 6.60
N VAL B 259 -15.04 1.09 6.57
CA VAL B 259 -13.80 1.78 6.07
C VAL B 259 -13.97 2.03 4.56
N GLU B 260 -14.48 1.06 3.81
CA GLU B 260 -14.69 1.23 2.35
C GLU B 260 -15.63 2.41 2.08
N MET B 261 -16.68 2.59 2.91
CA MET B 261 -17.67 3.67 2.68
C MET B 261 -17.05 5.02 3.06
N VAL B 262 -16.34 5.08 4.18
CA VAL B 262 -15.62 6.30 4.62
C VAL B 262 -14.62 6.72 3.53
N GLU B 263 -13.88 5.76 2.96
CA GLU B 263 -12.82 6.11 1.99
C GLU B 263 -13.47 6.66 0.71
N ALA B 264 -14.63 6.13 0.30
CA ALA B 264 -15.38 6.53 -0.91
C ALA B 264 -15.77 8.00 -0.80
N ILE B 265 -16.09 8.45 0.41
CA ILE B 265 -16.47 9.86 0.69
C ILE B 265 -15.21 10.72 0.83
N LEU B 266 -14.25 10.35 1.69
CA LEU B 266 -13.08 11.23 1.97
C LEU B 266 -12.28 11.53 0.69
N LYS B 267 -12.19 10.56 -0.23
CA LYS B 267 -11.37 10.60 -1.48
C LYS B 267 -12.28 10.86 -2.69
N ASP B 268 -13.57 11.17 -2.50
CA ASP B 268 -14.53 11.44 -3.59
C ASP B 268 -14.33 10.40 -4.71
N GLN B 269 -14.48 9.11 -4.38
CA GLN B 269 -14.27 8.00 -5.35
C GLN B 269 -15.45 7.79 -6.32
N ARG B 270 -16.67 8.18 -5.92
CA ARG B 270 -17.90 7.92 -6.72
C ARG B 270 -17.92 6.43 -7.02
N ARG B 271 -17.79 5.63 -5.96
CA ARG B 271 -17.97 4.17 -5.96
C ARG B 271 -19.45 3.86 -6.23
N ILE B 272 -19.74 2.74 -6.88
CA ILE B 272 -21.11 2.14 -6.79
C ILE B 272 -21.07 1.10 -5.67
N LEU B 273 -21.81 1.33 -4.60
CA LEU B 273 -21.83 0.46 -3.39
C LEU B 273 -23.25 0.41 -2.84
N PRO B 274 -23.69 -0.76 -2.34
CA PRO B 274 -25.01 -0.84 -1.70
C PRO B 274 -24.92 -0.08 -0.39
N ALA B 275 -25.89 0.78 -0.11
CA ALA B 275 -25.95 1.60 1.11
C ALA B 275 -27.40 1.69 1.58
N ILE B 276 -27.57 1.92 2.88
CA ILE B 276 -28.88 2.26 3.52
C ILE B 276 -29.13 3.75 3.28
N ALA B 277 -30.03 4.07 2.35
CA ALA B 277 -30.25 5.44 1.80
C ALA B 277 -31.70 5.86 2.01
N TYR B 278 -31.95 7.15 2.26
CA TYR B 278 -33.32 7.71 2.38
C TYR B 278 -33.95 7.80 0.98
N LEU B 279 -35.16 7.27 0.82
CA LEU B 279 -35.87 7.23 -0.50
C LEU B 279 -36.92 8.34 -0.54
N GLU B 280 -37.03 9.01 -1.68
CA GLU B 280 -38.08 10.01 -2.00
C GLU B 280 -38.64 9.68 -3.39
N GLY B 281 -38.96 8.40 -3.65
CA GLY B 281 -39.67 7.96 -4.85
C GLY B 281 -38.99 6.77 -5.52
N GLU B 282 -37.71 6.53 -5.22
CA GLU B 282 -36.94 5.47 -5.90
C GLU B 282 -37.62 4.14 -5.55
N TYR B 283 -37.80 3.27 -6.55
CA TYR B 283 -38.36 1.90 -6.46
C TYR B 283 -39.84 1.99 -6.06
N GLY B 284 -40.40 3.20 -5.96
CA GLY B 284 -41.82 3.48 -5.67
C GLY B 284 -42.08 3.66 -4.18
N TYR B 285 -41.05 4.04 -3.42
CA TYR B 285 -41.11 4.14 -1.94
C TYR B 285 -40.59 5.52 -1.52
N GLU B 286 -41.11 6.07 -0.42
CA GLU B 286 -40.65 7.38 0.12
C GLU B 286 -40.80 7.39 1.64
N GLY B 287 -40.07 8.31 2.30
CA GLY B 287 -40.01 8.50 3.76
C GLY B 287 -39.42 7.31 4.51
N ILE B 288 -38.59 6.47 3.85
CA ILE B 288 -37.90 5.32 4.52
C ILE B 288 -36.41 5.29 4.13
N TYR B 289 -35.59 4.69 4.99
CA TYR B 289 -34.22 4.22 4.67
C TYR B 289 -34.32 2.78 4.15
N LEU B 290 -33.62 2.44 3.06
CA LEU B 290 -33.62 1.08 2.50
C LEU B 290 -32.25 0.78 1.86
N GLY B 291 -31.82 -0.47 1.93
CA GLY B 291 -30.66 -1.02 1.21
C GLY B 291 -30.83 -0.93 -0.30
N VAL B 292 -30.08 -0.01 -0.95
CA VAL B 292 -30.17 0.24 -2.41
C VAL B 292 -28.78 0.48 -2.99
N PRO B 293 -28.61 0.24 -4.31
CA PRO B 293 -27.39 0.64 -4.99
C PRO B 293 -27.32 2.17 -4.96
N THR B 294 -26.12 2.68 -4.77
CA THR B 294 -25.84 4.12 -4.57
C THR B 294 -24.56 4.49 -5.30
N ILE B 295 -24.39 5.76 -5.70
CA ILE B 295 -23.03 6.32 -5.99
C ILE B 295 -22.58 7.06 -4.74
N LEU B 296 -21.41 6.72 -4.21
CA LEU B 296 -20.90 7.24 -2.93
C LEU B 296 -19.64 8.06 -3.22
N GLY B 297 -19.66 9.35 -2.92
CA GLY B 297 -18.51 10.24 -3.14
C GLY B 297 -18.47 11.36 -2.11
N GLY B 298 -17.83 12.46 -2.51
CA GLY B 298 -17.50 13.61 -1.66
C GLY B 298 -18.72 14.35 -1.12
N ASN B 299 -19.88 14.28 -1.79
CA ASN B 299 -21.16 14.88 -1.31
C ASN B 299 -21.98 13.81 -0.58
N GLY B 300 -21.39 12.65 -0.29
CA GLY B 300 -22.08 11.53 0.35
C GLY B 300 -22.81 10.71 -0.68
N ILE B 301 -24.11 10.45 -0.48
CA ILE B 301 -24.91 9.71 -1.51
C ILE B 301 -25.16 10.67 -2.68
N GLU B 302 -24.52 10.41 -3.83
CA GLU B 302 -24.56 11.31 -5.01
C GLU B 302 -25.86 10.99 -5.76
N LYS B 303 -26.29 9.73 -5.74
CA LYS B 303 -27.67 9.35 -6.14
C LYS B 303 -27.99 7.92 -5.69
N VAL B 304 -29.29 7.60 -5.63
CA VAL B 304 -29.80 6.21 -5.55
C VAL B 304 -30.03 5.73 -6.99
N ILE B 305 -29.49 4.56 -7.32
CA ILE B 305 -29.56 3.95 -8.66
C ILE B 305 -30.84 3.11 -8.68
N GLU B 306 -31.71 3.40 -9.63
CA GLU B 306 -33.02 2.71 -9.82
C GLU B 306 -32.85 1.68 -10.92
N LEU B 307 -32.98 0.39 -10.60
CA LEU B 307 -32.92 -0.73 -11.56
C LEU B 307 -34.34 -1.08 -12.01
N GLU B 308 -34.46 -1.61 -13.23
CA GLU B 308 -35.63 -2.40 -13.69
C GLU B 308 -35.54 -3.75 -12.98
N LEU B 309 -36.51 -4.07 -12.13
CA LEU B 309 -36.59 -5.38 -11.44
C LEU B 309 -37.69 -6.24 -12.09
N THR B 310 -37.51 -7.57 -12.08
CA THR B 310 -38.59 -8.53 -12.41
C THR B 310 -39.71 -8.37 -11.39
N GLU B 311 -40.87 -9.00 -11.66
CA GLU B 311 -42.05 -9.06 -10.75
C GLU B 311 -41.66 -9.77 -9.46
N GLU B 312 -40.91 -10.87 -9.55
CA GLU B 312 -40.34 -11.68 -8.43
C GLU B 312 -39.53 -10.78 -7.49
N GLU B 313 -38.63 -9.96 -8.04
CA GLU B 313 -37.71 -9.07 -7.29
C GLU B 313 -38.53 -7.96 -6.61
N LYS B 314 -39.49 -7.36 -7.32
CA LYS B 314 -40.33 -6.27 -6.76
C LYS B 314 -41.12 -6.79 -5.56
N ALA B 315 -41.70 -7.99 -5.67
CA ALA B 315 -42.50 -8.64 -4.62
C ALA B 315 -41.60 -8.88 -3.38
N ALA B 316 -40.42 -9.46 -3.58
CA ALA B 316 -39.37 -9.66 -2.56
C ALA B 316 -38.96 -8.33 -1.90
N LEU B 317 -38.71 -7.28 -2.68
CA LEU B 317 -38.35 -5.95 -2.12
C LEU B 317 -39.54 -5.33 -1.38
N ALA B 318 -40.78 -5.57 -1.82
CA ALA B 318 -42.00 -5.09 -1.09
C ALA B 318 -42.07 -5.71 0.32
N LYS B 319 -41.69 -6.98 0.50
CA LYS B 319 -41.66 -7.66 1.84
C LYS B 319 -40.58 -7.01 2.70
N SER B 320 -39.39 -6.77 2.12
CA SER B 320 -38.25 -6.08 2.79
C SER B 320 -38.71 -4.71 3.27
N VAL B 321 -39.39 -3.93 2.41
CA VAL B 321 -39.94 -2.59 2.76
C VAL B 321 -40.95 -2.69 3.91
N GLU B 322 -41.83 -3.71 3.95
CA GLU B 322 -42.83 -3.86 5.05
C GLU B 322 -42.09 -4.09 6.38
N SER B 323 -41.02 -4.87 6.34
CA SER B 323 -40.11 -5.12 7.50
C SER B 323 -39.48 -3.81 7.98
N VAL B 324 -39.06 -2.92 7.08
CA VAL B 324 -38.51 -1.57 7.46
C VAL B 324 -39.61 -0.75 8.12
N LYS B 325 -40.77 -0.62 7.45
CA LYS B 325 -41.91 0.20 7.95
C LYS B 325 -42.34 -0.35 9.31
N ASN B 326 -42.27 -1.68 9.47
CA ASN B 326 -42.68 -2.37 10.72
C ASN B 326 -41.78 -1.93 11.88
N VAL B 327 -40.45 -1.86 11.67
CA VAL B 327 -39.48 -1.44 12.74
C VAL B 327 -39.66 0.06 13.01
N MET B 328 -39.93 0.85 11.98
CA MET B 328 -40.21 2.29 12.15
C MET B 328 -41.43 2.50 13.04
N ARG B 329 -42.41 1.58 13.01
CA ARG B 329 -43.63 1.66 13.87
C ARG B 329 -43.27 1.36 15.32
N MET B 330 -42.16 0.63 15.57
CA MET B 330 -41.61 0.36 16.92
C MET B 330 -40.88 1.59 17.49
N LEU B 331 -40.52 2.61 16.68
CA LEU B 331 -39.85 3.85 17.17
C LEU B 331 -40.85 4.73 17.94
N GLU B 332 -40.42 5.30 19.07
CA GLU B 332 -41.17 6.36 19.83
C GLU B 332 -41.12 7.67 19.03
N ALA C 22 5.77 -25.13 -8.58
CA ALA C 22 4.76 -24.04 -8.54
C ALA C 22 5.15 -22.99 -7.49
N MET C 23 4.85 -21.73 -7.77
CA MET C 23 4.82 -20.61 -6.79
C MET C 23 3.70 -20.91 -5.78
N LYS C 24 4.02 -20.88 -4.48
CA LYS C 24 3.07 -21.22 -3.41
C LYS C 24 3.25 -20.19 -2.30
N ARG C 25 2.15 -19.80 -1.66
CA ARG C 25 2.16 -18.76 -0.60
C ARG C 25 3.02 -19.24 0.57
N LYS C 26 3.61 -18.30 1.30
CA LYS C 26 4.17 -18.55 2.65
C LYS C 26 3.02 -19.01 3.56
N LYS C 27 3.33 -19.75 4.61
CA LYS C 27 2.33 -20.22 5.60
C LYS C 27 2.77 -19.75 6.99
N ILE C 28 1.91 -19.01 7.69
CA ILE C 28 2.18 -18.52 9.08
C ILE C 28 1.16 -19.13 10.02
N SER C 29 1.60 -19.78 11.10
CA SER C 29 0.76 -20.27 12.21
C SER C 29 0.94 -19.30 13.39
N VAL C 30 -0.18 -18.80 13.92
CA VAL C 30 -0.20 -17.94 15.13
C VAL C 30 -0.79 -18.81 16.24
N ILE C 31 0.00 -19.11 17.26
CA ILE C 31 -0.42 -19.97 18.40
C ILE C 31 -0.94 -19.05 19.49
N GLY C 32 -2.23 -19.17 19.80
CA GLY C 32 -2.94 -18.31 20.74
C GLY C 32 -3.73 -17.30 19.97
N ALA C 33 -5.05 -17.41 20.02
CA ALA C 33 -6.03 -16.64 19.23
C ALA C 33 -6.73 -15.63 20.14
N GLY C 34 -6.01 -15.14 21.14
CA GLY C 34 -6.46 -14.03 22.00
C GLY C 34 -6.34 -12.70 21.27
N PHE C 35 -6.29 -11.61 22.02
CA PHE C 35 -6.24 -10.23 21.48
C PHE C 35 -5.00 -10.08 20.57
N THR C 36 -3.84 -10.52 21.03
CA THR C 36 -2.55 -10.29 20.34
C THR C 36 -2.42 -11.24 19.15
N GLY C 37 -2.74 -12.52 19.34
CA GLY C 37 -2.74 -13.49 18.23
C GLY C 37 -3.67 -13.08 17.09
N ALA C 38 -4.91 -12.73 17.41
CA ALA C 38 -5.94 -12.41 16.40
C ALA C 38 -5.50 -11.16 15.60
N THR C 39 -5.06 -10.12 16.32
CA THR C 39 -4.63 -8.81 15.77
C THR C 39 -3.45 -9.05 14.82
N THR C 40 -2.49 -9.87 15.24
CA THR C 40 -1.35 -10.31 14.41
C THR C 40 -1.86 -10.97 13.11
N ALA C 41 -2.76 -11.95 13.24
CA ALA C 41 -3.28 -12.74 12.11
C ALA C 41 -3.91 -11.79 11.08
N PHE C 42 -4.76 -10.85 11.54
CA PHE C 42 -5.47 -9.92 10.65
C PHE C 42 -4.47 -9.05 9.88
N LEU C 43 -3.46 -8.51 10.56
CA LEU C 43 -2.37 -7.70 9.94
C LEU C 43 -1.62 -8.54 8.91
N LEU C 44 -1.24 -9.77 9.24
CA LEU C 44 -0.48 -10.67 8.34
C LEU C 44 -1.28 -10.89 7.05
N ALA C 45 -2.58 -11.17 7.16
CA ALA C 45 -3.44 -11.43 5.97
C ALA C 45 -3.63 -10.14 5.17
N GLN C 46 -3.85 -8.98 5.81
CA GLN C 46 -4.03 -7.69 5.09
C GLN C 46 -2.79 -7.39 4.24
N LYS C 47 -1.61 -7.65 4.78
CA LYS C 47 -0.32 -7.41 4.11
C LYS C 47 0.01 -8.52 3.10
N GLU C 48 -0.86 -9.53 2.92
CA GLU C 48 -0.68 -10.68 1.99
C GLU C 48 0.69 -11.35 2.20
N LEU C 49 1.15 -11.44 3.44
CA LEU C 49 2.47 -12.04 3.77
C LEU C 49 2.37 -13.57 3.69
N GLY C 50 1.16 -14.12 3.60
CA GLY C 50 0.94 -15.57 3.40
C GLY C 50 -0.44 -16.02 3.87
N ASP C 51 -0.66 -17.33 3.86
CA ASP C 51 -1.85 -18.00 4.44
C ASP C 51 -1.69 -17.97 5.96
N VAL C 52 -2.78 -17.84 6.72
CA VAL C 52 -2.67 -17.80 8.21
C VAL C 52 -3.46 -18.97 8.81
N VAL C 53 -2.85 -19.64 9.79
CA VAL C 53 -3.49 -20.69 10.63
C VAL C 53 -3.48 -20.18 12.06
N LEU C 54 -4.67 -19.94 12.61
CA LEU C 54 -4.89 -19.41 13.98
C LEU C 54 -5.23 -20.57 14.93
N VAL C 55 -4.39 -20.80 15.92
CA VAL C 55 -4.45 -22.04 16.76
C VAL C 55 -4.79 -21.66 18.20
N ASP C 56 -5.69 -22.41 18.83
CA ASP C 56 -5.95 -22.28 20.29
C ASP C 56 -6.34 -23.64 20.86
N ILE C 57 -6.68 -23.68 22.15
CA ILE C 57 -6.99 -24.93 22.91
C ILE C 57 -8.32 -25.49 22.39
N PRO C 58 -8.55 -26.81 22.47
CA PRO C 58 -9.79 -27.40 21.99
C PRO C 58 -11.06 -26.66 22.46
N GLN C 59 -11.03 -26.14 23.68
CA GLN C 59 -12.21 -25.48 24.33
C GLN C 59 -12.54 -24.16 23.63
N LEU C 60 -11.60 -23.54 22.89
CA LEU C 60 -11.82 -22.25 22.19
C LEU C 60 -11.74 -22.43 20.68
N GLU C 61 -11.85 -23.68 20.19
CA GLU C 61 -11.85 -24.02 18.74
C GLU C 61 -12.87 -23.16 17.96
N ASN C 62 -14.09 -22.99 18.49
CA ASN C 62 -15.20 -22.34 17.75
C ASN C 62 -14.99 -20.82 17.73
N PRO C 63 -14.74 -20.14 18.87
CA PRO C 63 -14.34 -18.73 18.82
C PRO C 63 -13.16 -18.48 17.86
N THR C 64 -12.22 -19.42 17.77
CA THR C 64 -10.99 -19.29 16.95
C THR C 64 -11.42 -19.32 15.47
N LYS C 65 -12.27 -20.27 15.08
CA LYS C 65 -12.86 -20.38 13.70
C LYS C 65 -13.67 -19.11 13.38
N GLY C 66 -14.45 -18.61 14.34
CA GLY C 66 -15.24 -17.37 14.20
C GLY C 66 -14.36 -16.18 13.84
N LYS C 67 -13.33 -15.93 14.64
CA LYS C 67 -12.41 -14.78 14.40
C LYS C 67 -11.81 -14.93 12.99
N ALA C 68 -11.25 -16.11 12.68
CA ALA C 68 -10.64 -16.45 11.37
C ALA C 68 -11.66 -16.22 10.25
N LEU C 69 -12.89 -16.70 10.40
CA LEU C 69 -13.89 -16.55 9.31
C LEU C 69 -14.24 -15.07 9.12
N ASP C 70 -14.41 -14.33 10.24
CA ASP C 70 -14.70 -12.87 10.28
C ASP C 70 -13.63 -12.12 9.48
N MET C 71 -12.35 -12.33 9.83
CA MET C 71 -11.17 -11.77 9.13
C MET C 71 -11.23 -12.12 7.65
N LEU C 72 -11.51 -13.38 7.28
CA LEU C 72 -11.58 -13.82 5.85
C LEU C 72 -12.70 -13.06 5.12
N GLU C 73 -13.83 -12.87 5.78
CA GLU C 73 -14.99 -12.19 5.17
C GLU C 73 -14.68 -10.71 4.92
N ALA C 74 -13.66 -10.13 5.56
CA ALA C 74 -13.18 -8.74 5.30
C ALA C 74 -12.33 -8.66 4.01
N SER C 75 -11.76 -9.76 3.54
CA SER C 75 -10.77 -9.78 2.44
C SER C 75 -11.33 -9.18 1.14
N PRO C 76 -12.61 -9.41 0.75
CA PRO C 76 -13.15 -8.79 -0.46
C PRO C 76 -13.22 -7.27 -0.39
N VAL C 77 -13.49 -6.74 0.80
CA VAL C 77 -13.65 -5.29 1.05
C VAL C 77 -12.26 -4.65 1.10
N LEU C 78 -11.28 -5.20 1.82
CA LEU C 78 -9.95 -4.54 1.93
C LEU C 78 -9.09 -4.91 0.70
N GLY C 79 -9.54 -5.83 -0.14
CA GLY C 79 -8.85 -6.15 -1.40
C GLY C 79 -7.58 -6.97 -1.19
N PHE C 80 -7.56 -7.90 -0.24
CA PHE C 80 -6.42 -8.84 -0.08
C PHE C 80 -6.87 -10.29 -0.39
N ASP C 81 -5.94 -11.07 -0.92
CA ASP C 81 -6.08 -12.53 -1.15
C ASP C 81 -5.27 -13.22 -0.07
N ALA C 82 -5.92 -13.85 0.89
CA ALA C 82 -5.25 -14.79 1.80
C ALA C 82 -6.26 -15.84 2.25
N ASN C 83 -5.77 -17.00 2.68
CA ASN C 83 -6.51 -18.05 3.40
C ASN C 83 -6.28 -17.81 4.89
N ILE C 84 -7.34 -17.83 5.68
CA ILE C 84 -7.29 -17.74 7.17
C ILE C 84 -8.18 -18.84 7.74
N ILE C 85 -7.63 -19.77 8.53
CA ILE C 85 -8.44 -20.83 9.19
C ILE C 85 -8.17 -20.76 10.69
N GLY C 86 -9.17 -21.15 11.50
CA GLY C 86 -9.02 -21.38 12.95
C GLY C 86 -9.02 -22.88 13.25
N THR C 87 -8.29 -23.35 14.24
CA THR C 87 -8.14 -24.80 14.55
C THR C 87 -7.70 -25.01 16.00
N SER C 88 -7.86 -26.24 16.52
CA SER C 88 -7.16 -26.71 17.75
C SER C 88 -6.27 -27.92 17.40
N ASP C 89 -6.25 -28.26 16.10
CA ASP C 89 -5.47 -29.39 15.54
C ASP C 89 -4.19 -28.83 14.89
N TYR C 90 -3.06 -29.06 15.55
CA TYR C 90 -1.70 -28.70 15.09
C TYR C 90 -1.36 -29.33 13.73
N ALA C 91 -2.09 -30.35 13.26
CA ALA C 91 -1.90 -30.97 11.93
C ALA C 91 -2.07 -29.89 10.85
N ASP C 92 -2.92 -28.91 11.12
CA ASP C 92 -3.24 -27.79 10.20
C ASP C 92 -2.03 -26.83 10.08
N THR C 93 -1.08 -26.84 11.02
CA THR C 93 0.11 -25.93 11.02
C THR C 93 1.27 -26.56 10.23
N ALA C 94 1.07 -27.71 9.60
CA ALA C 94 2.11 -28.49 8.86
C ALA C 94 2.84 -27.58 7.86
N ASP C 95 4.18 -27.60 7.89
CA ASP C 95 5.06 -26.96 6.87
C ASP C 95 4.93 -25.43 6.94
N SER C 96 4.67 -24.89 8.13
CA SER C 96 4.64 -23.44 8.38
C SER C 96 6.06 -22.93 8.19
N ASP C 97 6.21 -21.89 7.38
CA ASP C 97 7.49 -21.16 7.23
C ASP C 97 7.78 -20.43 8.54
N ILE C 98 6.75 -19.87 9.17
CA ILE C 98 6.92 -19.11 10.43
C ILE C 98 5.76 -19.47 11.36
N VAL C 99 6.06 -19.54 12.64
CA VAL C 99 5.08 -19.82 13.72
C VAL C 99 5.29 -18.74 14.76
N VAL C 100 4.24 -17.99 15.07
CA VAL C 100 4.28 -16.92 16.09
C VAL C 100 3.61 -17.49 17.34
N ILE C 101 4.26 -17.43 18.49
CA ILE C 101 3.67 -17.98 19.75
C ILE C 101 3.22 -16.81 20.63
N THR C 102 1.91 -16.68 20.83
CA THR C 102 1.28 -15.73 21.79
C THR C 102 0.56 -16.48 22.92
N ALA C 103 0.48 -17.81 22.90
CA ALA C 103 -0.14 -18.64 23.98
C ALA C 103 0.49 -18.30 25.33
N GLY C 104 -0.36 -18.15 26.34
CA GLY C 104 0.06 -17.98 27.75
C GLY C 104 -1.12 -17.52 28.58
N ILE C 105 -0.86 -17.15 29.85
CA ILE C 105 -1.79 -16.35 30.69
C ILE C 105 -0.97 -15.46 31.64
N ASP C 114 6.71 -15.64 39.39
CA ASP C 114 7.24 -16.90 39.96
C ASP C 114 6.38 -18.07 39.45
N ASP C 115 5.11 -18.13 39.86
CA ASP C 115 4.12 -19.14 39.39
C ASP C 115 3.85 -18.87 37.90
N LEU C 116 3.80 -17.59 37.53
CA LEU C 116 3.69 -17.10 36.13
C LEU C 116 4.71 -17.84 35.26
N VAL C 117 5.99 -17.77 35.63
CA VAL C 117 7.10 -18.42 34.88
C VAL C 117 6.73 -19.89 34.65
N THR C 118 6.35 -20.57 35.72
CA THR C 118 6.29 -22.05 35.81
C THR C 118 5.11 -22.55 34.96
N THR C 119 3.99 -21.84 34.97
CA THR C 119 2.79 -22.17 34.14
C THR C 119 3.10 -21.95 32.65
N ASN C 120 3.60 -20.76 32.31
CA ASN C 120 3.84 -20.33 30.90
C ASN C 120 4.95 -21.20 30.31
N GLN C 121 5.97 -21.55 31.11
CA GLN C 121 7.03 -22.51 30.69
C GLN C 121 6.39 -23.80 30.18
N LYS C 122 5.38 -24.34 30.88
CA LYS C 122 4.74 -25.65 30.53
C LYS C 122 3.92 -25.48 29.25
N ILE C 123 3.25 -24.33 29.11
CA ILE C 123 2.53 -23.97 27.86
C ILE C 123 3.55 -24.00 26.70
N MET C 124 4.72 -23.40 26.87
CA MET C 124 5.75 -23.30 25.79
C MET C 124 6.21 -24.70 25.36
N LYS C 125 6.53 -25.57 26.33
CA LYS C 125 7.03 -26.96 26.07
C LYS C 125 5.96 -27.74 25.32
N GLN C 126 4.71 -27.69 25.80
CA GLN C 126 3.54 -28.35 25.14
C GLN C 126 3.42 -27.82 23.70
N VAL C 127 3.37 -26.50 23.51
CA VAL C 127 3.25 -25.86 22.15
C VAL C 127 4.43 -26.29 21.26
N THR C 128 5.67 -26.08 21.72
CA THR C 128 6.89 -26.27 20.89
C THR C 128 6.87 -27.70 20.35
N LYS C 129 6.55 -28.67 21.21
CA LYS C 129 6.54 -30.12 20.88
C LYS C 129 5.64 -30.37 19.67
N GLU C 130 4.44 -29.80 19.62
CA GLU C 130 3.52 -30.02 18.48
C GLU C 130 4.03 -29.22 17.27
N VAL C 131 4.61 -28.05 17.51
CA VAL C 131 4.96 -27.10 16.42
C VAL C 131 6.10 -27.71 15.61
N VAL C 132 7.19 -28.12 16.28
CA VAL C 132 8.38 -28.70 15.60
C VAL C 132 7.98 -30.04 14.95
N LYS C 133 6.97 -30.73 15.48
CA LYS C 133 6.54 -32.04 14.92
C LYS C 133 6.00 -31.82 13.49
N TYR C 134 5.10 -30.85 13.29
CA TYR C 134 4.42 -30.62 11.99
C TYR C 134 5.24 -29.69 11.08
N SER C 135 6.15 -28.90 11.66
CA SER C 135 6.98 -27.86 10.95
C SER C 135 8.40 -27.89 11.47
N PRO C 136 9.19 -28.91 11.09
CA PRO C 136 10.54 -29.05 11.65
C PRO C 136 11.48 -27.96 11.12
N ASN C 137 11.17 -27.34 9.97
CA ASN C 137 12.04 -26.38 9.23
C ASN C 137 11.60 -24.93 9.45
N CYS C 138 10.75 -24.64 10.44
CA CYS C 138 10.11 -23.31 10.62
C CYS C 138 11.01 -22.38 11.44
N TYR C 139 10.80 -21.08 11.31
CA TYR C 139 11.31 -20.02 12.22
C TYR C 139 10.22 -19.79 13.26
N ILE C 140 10.59 -19.52 14.50
CA ILE C 140 9.60 -19.33 15.60
C ILE C 140 9.88 -17.97 16.22
N ILE C 141 8.86 -17.12 16.31
CA ILE C 141 8.93 -15.80 17.02
C ILE C 141 8.01 -15.87 18.24
N VAL C 142 8.52 -15.52 19.41
CA VAL C 142 7.84 -15.73 20.73
C VAL C 142 7.49 -14.38 21.35
N LEU C 143 6.23 -14.19 21.78
CA LEU C 143 5.76 -12.98 22.52
C LEU C 143 5.57 -13.32 24.01
N THR C 144 5.20 -14.57 24.32
CA THR C 144 4.75 -15.01 25.67
C THR C 144 5.71 -14.47 26.74
N ASN C 145 5.19 -13.72 27.73
CA ASN C 145 5.95 -13.12 28.86
C ASN C 145 6.19 -14.17 29.95
N PRO C 146 7.35 -14.15 30.64
CA PRO C 146 8.45 -13.23 30.35
C PRO C 146 9.28 -13.82 29.20
N VAL C 147 9.49 -13.01 28.16
CA VAL C 147 9.80 -13.51 26.79
C VAL C 147 11.24 -14.02 26.76
N ASP C 148 12.12 -13.44 27.57
CA ASP C 148 13.52 -13.93 27.74
C ASP C 148 13.51 -15.41 28.15
N ALA C 149 12.79 -15.77 29.22
CA ALA C 149 12.77 -17.16 29.74
C ALA C 149 11.96 -18.05 28.79
N MET C 150 10.85 -17.53 28.24
CA MET C 150 9.92 -18.33 27.40
C MET C 150 10.57 -18.62 26.05
N THR C 151 11.37 -17.70 25.51
CA THR C 151 12.10 -17.92 24.23
C THR C 151 13.19 -18.97 24.51
N TYR C 152 13.91 -18.86 25.64
CA TYR C 152 14.89 -19.87 26.13
C TYR C 152 14.24 -21.26 26.15
N THR C 153 13.10 -21.41 26.82
CA THR C 153 12.32 -22.67 26.91
C THR C 153 11.97 -23.18 25.51
N VAL C 154 11.47 -22.30 24.63
CA VAL C 154 11.11 -22.69 23.24
C VAL C 154 12.39 -23.17 22.54
N PHE C 155 13.54 -22.55 22.83
CA PHE C 155 14.82 -22.87 22.12
C PHE C 155 15.28 -24.28 22.49
N LYS C 156 15.41 -24.56 23.79
CA LYS C 156 15.85 -25.87 24.35
C LYS C 156 14.91 -27.00 23.87
N GLU C 157 13.60 -26.81 24.01
CA GLU C 157 12.61 -27.84 23.59
C GLU C 157 12.71 -28.13 22.07
N SER C 158 12.88 -27.09 21.25
CA SER C 158 12.84 -27.23 19.77
C SER C 158 14.01 -28.10 19.28
N GLY C 159 15.18 -27.92 19.90
CA GLY C 159 16.49 -28.39 19.40
C GLY C 159 16.92 -27.63 18.16
N PHE C 160 16.26 -26.50 17.88
CA PHE C 160 16.51 -25.69 16.66
C PHE C 160 17.81 -24.92 16.86
N PRO C 161 18.55 -24.57 15.79
CA PRO C 161 19.65 -23.62 15.93
C PRO C 161 19.11 -22.25 16.39
N LYS C 162 19.95 -21.49 17.10
CA LYS C 162 19.63 -20.18 17.74
C LYS C 162 19.03 -19.18 16.74
N ASN C 163 19.36 -19.30 15.46
CA ASN C 163 18.97 -18.31 14.42
C ASN C 163 17.47 -18.46 14.12
N ARG C 164 16.86 -19.62 14.45
CA ARG C 164 15.45 -19.95 14.09
C ARG C 164 14.51 -19.72 15.27
N VAL C 165 15.02 -19.32 16.43
CA VAL C 165 14.15 -19.08 17.61
C VAL C 165 14.41 -17.68 18.14
N ILE C 166 13.38 -16.81 18.06
CA ILE C 166 13.46 -15.33 18.26
C ILE C 166 12.38 -14.88 19.25
N GLY C 167 12.68 -13.89 20.07
CA GLY C 167 11.67 -13.25 20.93
C GLY C 167 11.44 -11.83 20.52
N GLN C 168 10.21 -11.36 20.67
CA GLN C 168 9.81 -9.96 20.47
C GLN C 168 9.96 -9.23 21.80
N SER C 169 10.67 -8.11 21.83
CA SER C 169 10.63 -7.21 23.01
C SER C 169 10.99 -5.76 22.64
N GLY C 170 12.16 -5.57 22.04
CA GLY C 170 12.73 -4.25 21.74
C GLY C 170 11.89 -3.45 20.76
N VAL C 171 11.31 -4.10 19.76
CA VAL C 171 10.50 -3.38 18.75
C VAL C 171 9.38 -2.66 19.49
N LEU C 172 8.64 -3.40 20.33
CA LEU C 172 7.54 -2.84 21.13
C LEU C 172 8.05 -1.65 21.94
N ASP C 173 9.18 -1.81 22.65
CA ASP C 173 9.67 -0.73 23.54
C ASP C 173 10.08 0.48 22.71
N THR C 174 10.72 0.29 21.54
CA THR C 174 11.14 1.43 20.66
C THR C 174 9.92 2.13 20.06
N ALA C 175 8.86 1.40 19.74
CA ALA C 175 7.57 1.95 19.25
C ALA C 175 7.01 2.93 20.28
N ARG C 176 6.99 2.53 21.56
CA ARG C 176 6.40 3.41 22.61
C ARG C 176 7.29 4.64 22.72
N PHE C 177 8.59 4.44 22.85
CA PHE C 177 9.60 5.52 22.96
C PHE C 177 9.46 6.49 21.79
N ARG C 178 9.45 5.97 20.56
CA ARG C 178 9.33 6.82 19.35
C ARG C 178 8.02 7.63 19.43
N THR C 179 6.93 7.02 19.92
CA THR C 179 5.60 7.65 20.03
C THR C 179 5.70 8.81 21.02
N PHE C 180 6.34 8.60 22.16
CA PHE C 180 6.44 9.65 23.23
C PHE C 180 7.31 10.79 22.68
N VAL C 181 8.38 10.47 21.99
CA VAL C 181 9.32 11.53 21.48
C VAL C 181 8.62 12.33 20.39
N ALA C 182 7.92 11.67 19.46
CA ALA C 182 7.16 12.34 18.37
C ALA C 182 6.16 13.32 18.98
N GLU C 183 5.39 12.90 19.98
CA GLU C 183 4.45 13.78 20.72
C GLU C 183 5.23 14.97 21.31
N GLU C 184 6.32 14.71 22.03
CA GLU C 184 7.13 15.79 22.67
C GLU C 184 7.63 16.84 21.63
N LEU C 185 8.13 16.42 20.47
CA LEU C 185 8.70 17.35 19.44
C LEU C 185 7.69 17.75 18.37
N ASN C 186 6.46 17.22 18.41
CA ASN C 186 5.42 17.46 17.37
C ASN C 186 5.99 17.15 15.97
N ILE C 187 6.55 15.96 15.78
CA ILE C 187 7.10 15.55 14.46
C ILE C 187 6.58 14.13 14.16
N SER C 188 6.71 13.72 12.91
CA SER C 188 6.44 12.35 12.40
C SER C 188 7.24 11.30 13.18
N VAL C 189 6.55 10.26 13.64
CA VAL C 189 7.13 9.02 14.21
C VAL C 189 8.12 8.39 13.22
N LYS C 190 7.92 8.62 11.92
CA LYS C 190 8.81 8.14 10.82
C LYS C 190 10.25 8.61 11.04
N ASP C 191 10.47 9.76 11.65
CA ASP C 191 11.83 10.37 11.70
C ASP C 191 12.41 10.31 13.11
N VAL C 192 11.74 9.59 14.03
CA VAL C 192 12.25 9.32 15.39
C VAL C 192 12.78 7.88 15.43
N THR C 193 13.92 7.68 16.06
CA THR C 193 14.54 6.35 16.30
C THR C 193 14.80 6.22 17.80
N GLY C 194 14.67 4.99 18.31
CA GLY C 194 15.07 4.61 19.68
C GLY C 194 16.01 3.43 19.62
N PHE C 195 16.62 3.09 20.74
CA PHE C 195 17.62 2.02 20.80
C PHE C 195 17.51 1.43 22.19
N VAL C 196 16.98 0.21 22.32
CA VAL C 196 16.84 -0.45 23.64
C VAL C 196 17.46 -1.85 23.56
N LEU C 197 18.30 -2.14 24.56
CA LEU C 197 18.83 -3.49 24.89
C LEU C 197 18.04 -4.00 26.10
N GLY C 198 18.14 -5.31 26.38
CA GLY C 198 17.43 -5.93 27.52
C GLY C 198 15.93 -5.88 27.33
N GLY C 199 15.18 -6.07 28.42
CA GLY C 199 13.72 -6.33 28.41
C GLY C 199 12.90 -5.13 28.83
N HIS C 200 11.66 -5.36 29.28
CA HIS C 200 10.67 -4.31 29.66
C HIS C 200 11.03 -3.76 31.04
N GLY C 201 10.40 -2.65 31.44
CA GLY C 201 10.43 -2.12 32.82
C GLY C 201 11.84 -1.77 33.28
N ASP C 202 12.18 -2.11 34.53
CA ASP C 202 13.51 -1.87 35.14
C ASP C 202 14.62 -2.55 34.32
N ASP C 203 14.31 -3.64 33.63
CA ASP C 203 15.29 -4.46 32.86
C ASP C 203 15.71 -3.79 31.54
N MET C 204 15.08 -2.66 31.18
CA MET C 204 15.24 -1.97 29.87
C MET C 204 16.48 -1.08 29.92
N VAL C 205 17.37 -1.23 28.95
CA VAL C 205 18.64 -0.46 28.85
C VAL C 205 18.56 0.38 27.57
N PRO C 206 17.93 1.57 27.65
CA PRO C 206 17.86 2.48 26.50
C PRO C 206 19.17 3.26 26.35
N LEU C 207 19.58 3.51 25.11
CA LEU C 207 20.71 4.35 24.73
C LEU C 207 20.15 5.61 24.08
N VAL C 208 19.81 6.61 24.89
CA VAL C 208 19.32 7.94 24.42
C VAL C 208 20.37 8.57 23.49
N ARG C 209 21.66 8.26 23.69
CA ARG C 209 22.75 8.83 22.86
C ARG C 209 22.66 8.28 21.42
N TYR C 210 22.05 7.11 21.25
CA TYR C 210 21.87 6.44 19.93
C TYR C 210 20.38 6.51 19.56
N SER C 211 19.68 7.51 20.07
CA SER C 211 18.27 7.84 19.74
C SER C 211 18.22 9.26 19.20
N TYR C 212 17.51 9.47 18.10
CA TYR C 212 17.56 10.71 17.30
C TYR C 212 16.18 11.09 16.76
N ALA C 213 16.06 12.36 16.36
CA ALA C 213 14.97 12.91 15.52
C ALA C 213 15.55 13.46 14.21
N GLY C 214 15.22 12.85 13.07
CA GLY C 214 15.82 13.14 11.74
C GLY C 214 17.33 13.07 11.78
N GLY C 215 17.89 12.18 12.60
CA GLY C 215 19.33 11.96 12.75
C GLY C 215 19.97 12.84 13.82
N ILE C 216 19.25 13.80 14.40
CA ILE C 216 19.77 14.70 15.47
C ILE C 216 19.67 13.99 16.82
N PRO C 217 20.77 13.87 17.61
CA PRO C 217 20.70 13.29 18.95
C PRO C 217 19.60 13.93 19.81
N LEU C 218 18.77 13.11 20.46
CA LEU C 218 17.59 13.61 21.20
C LEU C 218 18.07 14.46 22.38
N GLU C 219 19.27 14.19 22.90
CA GLU C 219 19.86 14.96 24.03
C GLU C 219 20.05 16.43 23.64
N LYS C 220 20.14 16.78 22.35
CA LYS C 220 20.26 18.20 21.90
C LYS C 220 18.89 18.83 21.64
N LEU C 221 17.79 18.06 21.70
CA LEU C 221 16.43 18.53 21.31
C LEU C 221 15.50 18.60 22.51
N ILE C 222 15.65 17.70 23.46
CA ILE C 222 14.72 17.57 24.62
C ILE C 222 15.53 17.73 25.88
N PRO C 223 15.16 18.63 26.82
CA PRO C 223 15.90 18.78 28.08
C PRO C 223 15.84 17.49 28.89
N LYS C 224 16.82 17.29 29.77
CA LYS C 224 17.11 15.99 30.43
C LYS C 224 15.90 15.54 31.27
N ASP C 225 15.19 16.47 31.90
CA ASP C 225 14.08 16.12 32.82
C ASP C 225 12.96 15.48 31.98
N ARG C 226 12.67 16.05 30.80
CA ARG C 226 11.58 15.60 29.91
C ARG C 226 11.98 14.29 29.25
N LEU C 227 13.26 14.12 28.89
CA LEU C 227 13.80 12.89 28.25
C LEU C 227 13.79 11.72 29.25
N ASP C 228 14.20 12.00 30.50
CA ASP C 228 14.17 11.02 31.62
C ASP C 228 12.73 10.52 31.83
N ALA C 229 11.76 11.44 31.84
CA ALA C 229 10.32 11.14 31.99
C ALA C 229 9.87 10.24 30.81
N ILE C 230 10.38 10.47 29.60
CA ILE C 230 10.00 9.69 28.38
C ILE C 230 10.58 8.28 28.52
N VAL C 231 11.83 8.18 28.99
CA VAL C 231 12.51 6.88 29.26
C VAL C 231 11.69 6.10 30.30
N GLU C 232 11.24 6.76 31.36
CA GLU C 232 10.46 6.17 32.48
C GLU C 232 9.07 5.75 31.96
N ARG C 233 8.38 6.60 31.19
CA ARG C 233 7.10 6.21 30.55
C ARG C 233 7.28 4.98 29.67
N THR C 234 8.44 4.85 29.00
CA THR C 234 8.73 3.71 28.11
C THR C 234 8.78 2.45 28.98
N ARG C 235 9.54 2.50 30.09
CA ARG C 235 9.70 1.38 31.06
C ARG C 235 8.30 0.92 31.53
N LYS C 236 7.42 1.87 31.88
CA LYS C 236 6.08 1.63 32.47
C LYS C 236 5.01 1.48 31.37
N GLY C 237 5.39 1.56 30.09
CA GLY C 237 4.46 1.67 28.95
C GLY C 237 3.44 0.55 28.90
N GLY C 238 3.86 -0.69 29.11
CA GLY C 238 2.98 -1.88 29.15
C GLY C 238 1.98 -1.80 30.30
N GLY C 239 2.42 -1.29 31.45
CA GLY C 239 1.61 -1.08 32.66
C GLY C 239 0.58 0.01 32.42
N GLU C 240 0.97 1.06 31.69
CA GLU C 240 0.06 2.19 31.39
C GLU C 240 -1.17 1.67 30.61
N ILE C 241 -0.97 0.80 29.62
CA ILE C 241 -2.12 0.27 28.81
C ILE C 241 -2.98 -0.61 29.73
N VAL C 242 -2.36 -1.51 30.49
CA VAL C 242 -3.04 -2.42 31.47
C VAL C 242 -3.94 -1.60 32.38
N ASN C 243 -3.42 -0.54 33.02
CA ASN C 243 -4.19 0.29 33.98
C ASN C 243 -5.37 0.96 33.26
N LEU C 244 -5.18 1.42 32.02
CA LEU C 244 -6.24 2.15 31.29
C LEU C 244 -7.35 1.17 30.87
N LEU C 245 -7.00 -0.02 30.36
CA LEU C 245 -7.94 -1.09 29.90
C LEU C 245 -8.72 -1.67 31.11
N GLY C 246 -8.03 -1.97 32.21
CA GLY C 246 -8.64 -2.53 33.44
C GLY C 246 -8.88 -4.03 33.42
N ASN C 247 -8.86 -4.69 32.25
CA ASN C 247 -9.24 -6.13 32.13
C ASN C 247 -8.40 -6.87 31.07
N GLY C 248 -7.23 -6.34 30.70
CA GLY C 248 -6.24 -7.07 29.88
C GLY C 248 -5.01 -6.21 29.63
N SER C 249 -4.07 -6.68 28.79
CA SER C 249 -2.89 -5.89 28.34
C SER C 249 -2.97 -5.55 26.85
N ALA C 250 -2.00 -4.77 26.37
CA ALA C 250 -1.91 -4.18 25.01
C ALA C 250 -1.94 -5.28 23.95
N TYR C 251 -2.48 -4.99 22.77
CA TYR C 251 -2.45 -5.96 21.64
C TYR C 251 -2.10 -5.25 20.32
N TYR C 252 -2.48 -3.98 20.09
CA TYR C 252 -2.25 -3.34 18.77
C TYR C 252 -0.74 -3.22 18.50
N ALA C 253 0.02 -2.62 19.43
CA ALA C 253 1.44 -2.30 19.21
C ALA C 253 2.26 -3.59 19.26
N PRO C 254 1.99 -4.52 20.21
CA PRO C 254 2.68 -5.81 20.21
C PRO C 254 2.46 -6.59 18.93
N ALA C 255 1.23 -6.59 18.38
CA ALA C 255 0.91 -7.34 17.14
C ALA C 255 1.69 -6.74 15.95
N ALA C 256 1.74 -5.43 15.86
CA ALA C 256 2.52 -4.68 14.85
C ALA C 256 4.00 -5.02 15.00
N SER C 257 4.47 -5.11 16.24
CA SER C 257 5.88 -5.47 16.55
C SER C 257 6.17 -6.89 16.03
N LEU C 258 5.26 -7.83 16.26
CA LEU C 258 5.39 -9.20 15.69
C LEU C 258 5.40 -9.13 14.15
N VAL C 259 4.51 -8.35 13.54
CA VAL C 259 4.36 -8.39 12.06
C VAL C 259 5.64 -7.84 11.41
N GLU C 260 6.24 -6.79 11.96
CA GLU C 260 7.48 -6.18 11.38
C GLU C 260 8.60 -7.23 11.37
N MET C 261 8.70 -8.05 12.43
CA MET C 261 9.76 -9.08 12.56
C MET C 261 9.47 -10.25 11.59
N VAL C 262 8.21 -10.72 11.54
CA VAL C 262 7.74 -11.71 10.54
C VAL C 262 8.13 -11.21 9.14
N GLU C 263 7.84 -9.94 8.84
CA GLU C 263 8.02 -9.37 7.49
C GLU C 263 9.51 -9.34 7.13
N ALA C 264 10.39 -9.00 8.08
CA ALA C 264 11.85 -8.97 7.86
C ALA C 264 12.33 -10.35 7.41
N ILE C 265 11.71 -11.43 7.91
CA ILE C 265 12.15 -12.83 7.63
C ILE C 265 11.57 -13.28 6.30
N LEU C 266 10.26 -13.20 6.12
CA LEU C 266 9.59 -13.70 4.88
C LEU C 266 10.15 -13.02 3.63
N LYS C 267 10.50 -11.74 3.74
CA LYS C 267 10.89 -10.90 2.57
C LYS C 267 12.40 -10.69 2.59
N ASP C 268 13.12 -11.41 3.48
CA ASP C 268 14.60 -11.38 3.63
C ASP C 268 15.09 -9.93 3.54
N GLN C 269 14.63 -9.06 4.45
CA GLN C 269 14.88 -7.60 4.42
C GLN C 269 16.24 -7.25 5.04
N ARG C 270 16.78 -8.08 5.93
CA ARG C 270 18.06 -7.78 6.62
C ARG C 270 17.86 -6.42 7.30
N ARG C 271 16.75 -6.31 8.04
CA ARG C 271 16.47 -5.19 8.97
C ARG C 271 17.48 -5.26 10.12
N ILE C 272 17.83 -4.11 10.73
CA ILE C 272 18.42 -4.02 12.10
C ILE C 272 17.28 -3.69 13.06
N LEU C 273 16.96 -4.61 13.95
CA LEU C 273 15.86 -4.50 14.94
C LEU C 273 16.33 -5.13 16.25
N PRO C 274 15.90 -4.57 17.41
CA PRO C 274 16.15 -5.22 18.68
C PRO C 274 15.29 -6.49 18.73
N ALA C 275 15.90 -7.59 19.18
CA ALA C 275 15.24 -8.90 19.28
C ALA C 275 15.79 -9.65 20.49
N ILE C 276 14.98 -10.55 21.05
CA ILE C 276 15.41 -11.47 22.13
C ILE C 276 16.14 -12.61 21.43
N ALA C 277 17.46 -12.68 21.61
CA ALA C 277 18.36 -13.57 20.84
C ALA C 277 19.30 -14.35 21.77
N TYR C 278 19.72 -15.52 21.31
CA TYR C 278 20.63 -16.43 22.05
C TYR C 278 22.06 -15.90 21.91
N LEU C 279 22.69 -15.61 23.05
CA LEU C 279 24.09 -15.11 23.17
C LEU C 279 25.09 -16.28 23.33
N GLU C 280 26.15 -16.29 22.52
CA GLU C 280 27.34 -17.19 22.66
C GLU C 280 28.61 -16.32 22.68
N GLY C 281 28.69 -15.39 23.64
CA GLY C 281 29.87 -14.54 23.89
C GLY C 281 29.60 -13.03 23.73
N GLU C 282 28.53 -12.65 23.02
CA GLU C 282 28.26 -11.23 22.71
C GLU C 282 28.01 -10.49 24.02
N TYR C 283 28.57 -9.28 24.14
CA TYR C 283 28.45 -8.37 25.31
C TYR C 283 29.09 -9.02 26.55
N GLY C 284 29.80 -10.14 26.38
CA GLY C 284 30.51 -10.86 27.45
C GLY C 284 29.64 -11.86 28.20
N TYR C 285 28.55 -12.32 27.56
CA TYR C 285 27.53 -13.22 28.16
C TYR C 285 27.28 -14.39 27.23
N GLU C 286 26.83 -15.52 27.79
CA GLU C 286 26.57 -16.76 27.00
C GLU C 286 25.52 -17.60 27.71
N GLY C 287 24.86 -18.49 26.96
CA GLY C 287 23.84 -19.44 27.45
C GLY C 287 22.57 -18.75 27.96
N ILE C 288 22.28 -17.53 27.49
CA ILE C 288 21.02 -16.80 27.83
C ILE C 288 20.38 -16.21 26.56
N TYR C 289 19.10 -15.88 26.65
CA TYR C 289 18.37 -14.98 25.72
C TYR C 289 18.37 -13.60 26.35
N LEU C 290 18.66 -12.59 25.54
CA LEU C 290 18.74 -11.16 25.92
C LEU C 290 18.33 -10.30 24.70
N GLY C 291 17.70 -9.16 25.00
CA GLY C 291 17.30 -8.14 24.03
C GLY C 291 18.50 -7.38 23.53
N VAL C 292 18.90 -7.67 22.29
CA VAL C 292 20.12 -7.10 21.65
C VAL C 292 19.76 -6.67 20.23
N PRO C 293 20.54 -5.74 19.63
CA PRO C 293 20.38 -5.37 18.23
C PRO C 293 20.79 -6.58 17.39
N THR C 294 20.06 -6.77 16.29
CA THR C 294 20.08 -8.00 15.47
C THR C 294 20.00 -7.59 13.99
N ILE C 295 20.60 -8.33 13.07
CA ILE C 295 20.19 -8.30 11.64
C ILE C 295 19.18 -9.42 11.48
N LEU C 296 17.96 -9.10 11.04
CA LEU C 296 16.83 -10.06 10.85
C LEU C 296 16.59 -10.21 9.36
N GLY C 297 16.74 -11.42 8.81
CA GLY C 297 16.48 -11.69 7.39
C GLY C 297 15.95 -13.10 7.14
N GLY C 298 16.18 -13.60 5.92
CA GLY C 298 15.64 -14.88 5.43
C GLY C 298 16.07 -16.06 6.28
N ASN C 299 17.23 -15.98 6.94
CA ASN C 299 17.73 -17.07 7.82
C ASN C 299 17.44 -16.73 9.29
N GLY C 300 16.41 -15.91 9.56
CA GLY C 300 16.08 -15.45 10.92
C GLY C 300 17.10 -14.45 11.40
N ILE C 301 17.61 -14.60 12.62
CA ILE C 301 18.75 -13.79 13.13
C ILE C 301 19.98 -14.18 12.28
N GLU C 302 20.45 -13.27 11.44
CA GLU C 302 21.68 -13.45 10.63
C GLU C 302 22.87 -13.14 11.52
N LYS C 303 22.70 -12.25 12.52
CA LYS C 303 23.80 -11.87 13.45
C LYS C 303 23.26 -11.05 14.63
N VAL C 304 23.88 -11.22 15.80
CA VAL C 304 23.76 -10.33 16.98
C VAL C 304 24.81 -9.22 16.82
N ILE C 305 24.37 -7.97 16.81
CA ILE C 305 25.27 -6.80 16.62
C ILE C 305 25.85 -6.45 17.99
N GLU C 306 27.17 -6.36 18.04
CA GLU C 306 27.92 -5.99 19.26
C GLU C 306 28.47 -4.58 19.07
N LEU C 307 28.07 -3.64 19.92
CA LEU C 307 28.64 -2.26 19.90
C LEU C 307 29.36 -2.01 21.23
N GLU C 308 30.24 -1.01 21.19
CA GLU C 308 30.91 -0.41 22.36
C GLU C 308 29.89 0.35 23.22
N LEU C 309 29.69 -0.11 24.46
CA LEU C 309 28.88 0.58 25.49
C LEU C 309 29.82 1.37 26.40
N THR C 310 29.36 2.52 26.91
CA THR C 310 29.98 3.27 28.03
C THR C 310 30.02 2.35 29.26
N GLU C 311 30.61 2.79 30.37
CA GLU C 311 30.66 2.00 31.62
C GLU C 311 29.26 2.00 32.29
N GLU C 312 28.51 3.11 32.25
CA GLU C 312 27.12 3.20 32.81
C GLU C 312 26.23 2.16 32.11
N GLU C 313 26.36 2.02 30.79
CA GLU C 313 25.50 1.14 29.95
C GLU C 313 25.86 -0.34 30.18
N LYS C 314 27.15 -0.66 30.34
CA LYS C 314 27.62 -2.05 30.64
C LYS C 314 27.08 -2.48 32.01
N ALA C 315 27.07 -1.56 32.99
CA ALA C 315 26.57 -1.75 34.38
C ALA C 315 25.07 -2.01 34.34
N ALA C 316 24.32 -1.17 33.63
CA ALA C 316 22.86 -1.31 33.44
C ALA C 316 22.54 -2.65 32.75
N LEU C 317 23.30 -3.01 31.71
CA LEU C 317 23.09 -4.29 31.00
C LEU C 317 23.40 -5.46 31.94
N ALA C 318 24.46 -5.35 32.76
CA ALA C 318 24.85 -6.34 33.79
C ALA C 318 23.69 -6.54 34.77
N LYS C 319 23.10 -5.44 35.26
CA LYS C 319 21.90 -5.46 36.14
C LYS C 319 20.75 -6.15 35.40
N SER C 320 20.51 -5.79 34.14
CA SER C 320 19.42 -6.37 33.32
C SER C 320 19.62 -7.89 33.19
N VAL C 321 20.85 -8.33 32.90
CA VAL C 321 21.22 -9.76 32.62
C VAL C 321 21.03 -10.62 33.88
N GLU C 322 21.47 -10.09 35.03
CA GLU C 322 21.23 -10.62 36.40
C GLU C 322 19.74 -10.98 36.54
N SER C 323 18.85 -10.03 36.24
CA SER C 323 17.37 -10.18 36.32
C SER C 323 16.90 -11.30 35.36
N VAL C 324 17.54 -11.48 34.21
CA VAL C 324 17.21 -12.58 33.25
C VAL C 324 17.66 -13.91 33.83
N LYS C 325 18.87 -13.94 34.42
CA LYS C 325 19.40 -15.16 35.10
C LYS C 325 18.45 -15.53 36.26
N ASN C 326 17.93 -14.53 37.00
CA ASN C 326 17.02 -14.73 38.16
C ASN C 326 15.77 -15.46 37.68
N VAL C 327 15.13 -14.97 36.61
CA VAL C 327 13.88 -15.55 36.06
C VAL C 327 14.19 -16.93 35.46
N MET C 328 15.36 -17.11 34.85
CA MET C 328 15.81 -18.42 34.28
C MET C 328 16.01 -19.47 35.38
N ARG C 329 16.26 -19.07 36.63
CA ARG C 329 16.45 -20.03 37.76
C ARG C 329 15.07 -20.50 38.24
N MET C 330 14.01 -19.71 38.05
CA MET C 330 12.61 -20.09 38.39
C MET C 330 12.10 -21.20 37.45
N LEU C 331 12.79 -21.47 36.34
CA LEU C 331 12.43 -22.54 35.37
C LEU C 331 12.70 -23.93 35.97
N GLU C 332 11.79 -24.87 35.73
CA GLU C 332 11.96 -26.31 36.09
C GLU C 332 12.76 -27.01 34.99
N ALA D 22 -18.44 19.70 1.22
CA ALA D 22 -18.15 18.50 0.37
C ALA D 22 -16.65 18.18 0.36
N MET D 23 -16.30 16.88 0.36
CA MET D 23 -14.90 16.40 0.33
C MET D 23 -14.40 16.49 -1.11
N LYS D 24 -13.31 17.22 -1.32
CA LYS D 24 -12.72 17.50 -2.65
C LYS D 24 -11.31 16.92 -2.64
N ARG D 25 -10.90 16.28 -3.73
CA ARG D 25 -9.49 15.87 -3.94
C ARG D 25 -8.58 17.11 -3.91
N LYS D 26 -7.40 16.91 -3.36
CA LYS D 26 -6.23 17.77 -3.56
C LYS D 26 -5.96 17.85 -5.06
N LYS D 27 -5.30 18.91 -5.50
CA LYS D 27 -4.96 19.15 -6.90
C LYS D 27 -3.47 19.44 -6.95
N ILE D 28 -2.75 18.64 -7.75
CA ILE D 28 -1.29 18.85 -7.97
C ILE D 28 -1.05 19.13 -9.45
N SER D 29 -0.39 20.26 -9.73
CA SER D 29 0.09 20.56 -11.09
C SER D 29 1.58 20.22 -11.19
N VAL D 30 1.96 19.49 -12.22
CA VAL D 30 3.37 19.13 -12.46
C VAL D 30 3.80 19.90 -13.70
N ILE D 31 4.68 20.88 -13.56
CA ILE D 31 5.13 21.76 -14.68
C ILE D 31 6.37 21.12 -15.28
N GLY D 32 6.29 20.74 -16.56
CA GLY D 32 7.32 19.99 -17.29
C GLY D 32 6.98 18.53 -17.26
N ALA D 33 6.62 17.98 -18.42
CA ALA D 33 6.06 16.63 -18.60
C ALA D 33 7.10 15.74 -19.26
N GLY D 34 8.37 15.97 -18.96
CA GLY D 34 9.48 15.13 -19.44
C GLY D 34 9.67 13.95 -18.50
N PHE D 35 10.89 13.46 -18.39
CA PHE D 35 11.25 12.25 -17.60
C PHE D 35 10.85 12.41 -16.13
N THR D 36 11.29 13.49 -15.47
CA THR D 36 11.07 13.68 -14.01
C THR D 36 9.59 13.98 -13.75
N GLY D 37 9.00 14.92 -14.51
CA GLY D 37 7.59 15.32 -14.35
C GLY D 37 6.63 14.16 -14.57
N ALA D 38 6.77 13.42 -15.66
CA ALA D 38 5.92 12.25 -15.96
C ALA D 38 6.04 11.22 -14.83
N THR D 39 7.26 10.91 -14.41
CA THR D 39 7.54 9.88 -13.38
C THR D 39 6.90 10.32 -12.06
N THR D 40 6.99 11.63 -11.73
CA THR D 40 6.37 12.25 -10.53
C THR D 40 4.84 12.09 -10.60
N ALA D 41 4.25 12.50 -11.71
CA ALA D 41 2.79 12.44 -11.97
C ALA D 41 2.27 11.03 -11.71
N PHE D 42 2.92 10.02 -12.29
CA PHE D 42 2.48 8.61 -12.17
C PHE D 42 2.50 8.16 -10.70
N LEU D 43 3.57 8.51 -9.97
CA LEU D 43 3.68 8.17 -8.53
C LEU D 43 2.59 8.90 -7.74
N LEU D 44 2.38 10.20 -7.98
CA LEU D 44 1.33 10.97 -7.26
C LEU D 44 -0.04 10.29 -7.45
N ALA D 45 -0.37 9.87 -8.66
CA ALA D 45 -1.70 9.29 -8.97
C ALA D 45 -1.82 7.91 -8.34
N GLN D 46 -0.80 7.06 -8.47
CA GLN D 46 -0.77 5.71 -7.85
C GLN D 46 -1.07 5.82 -6.35
N LYS D 47 -0.54 6.86 -5.70
CA LYS D 47 -0.65 7.02 -4.23
C LYS D 47 -1.94 7.75 -3.88
N GLU D 48 -2.72 8.17 -4.89
CA GLU D 48 -4.05 8.82 -4.74
C GLU D 48 -3.87 10.08 -3.89
N LEU D 49 -2.85 10.88 -4.21
CA LEU D 49 -2.50 12.03 -3.37
C LEU D 49 -3.30 13.21 -3.89
N GLY D 50 -3.87 13.08 -5.09
CA GLY D 50 -4.80 14.08 -5.64
C GLY D 50 -4.99 13.93 -7.13
N ASP D 51 -5.74 14.87 -7.71
CA ASP D 51 -5.88 15.07 -9.17
C ASP D 51 -4.56 15.66 -9.67
N VAL D 52 -4.12 15.25 -10.85
CA VAL D 52 -2.82 15.66 -11.42
C VAL D 52 -3.08 16.40 -12.73
N VAL D 53 -2.48 17.56 -12.88
CA VAL D 53 -2.40 18.31 -14.16
C VAL D 53 -0.93 18.36 -14.54
N LEU D 54 -0.63 17.75 -15.69
CA LEU D 54 0.72 17.66 -16.29
C LEU D 54 0.77 18.74 -17.37
N VAL D 55 1.69 19.70 -17.23
CA VAL D 55 1.83 20.90 -18.10
C VAL D 55 3.16 20.84 -18.86
N ASP D 56 3.13 21.01 -20.19
CA ASP D 56 4.33 21.35 -20.98
C ASP D 56 4.06 22.51 -21.94
N ILE D 57 5.01 22.76 -22.83
CA ILE D 57 4.94 23.86 -23.84
C ILE D 57 3.94 23.48 -24.91
N PRO D 58 3.34 24.45 -25.64
CA PRO D 58 2.34 24.15 -26.67
C PRO D 58 2.80 23.10 -27.69
N GLN D 59 4.10 23.07 -28.01
CA GLN D 59 4.68 22.16 -29.03
C GLN D 59 4.64 20.70 -28.52
N LEU D 60 4.59 20.48 -27.20
CA LEU D 60 4.59 19.10 -26.62
C LEU D 60 3.25 18.83 -25.91
N GLU D 61 2.18 19.52 -26.33
CA GLU D 61 0.83 19.36 -25.76
C GLU D 61 0.33 17.94 -26.01
N ASN D 62 0.49 17.43 -27.22
CA ASN D 62 -0.10 16.14 -27.62
C ASN D 62 0.68 15.03 -26.90
N PRO D 63 2.03 15.01 -26.93
CA PRO D 63 2.78 14.04 -26.13
C PRO D 63 2.36 14.02 -24.64
N THR D 64 2.13 15.19 -24.06
CA THR D 64 1.76 15.36 -22.64
C THR D 64 0.39 14.74 -22.39
N LYS D 65 -0.57 14.96 -23.28
CA LYS D 65 -1.91 14.34 -23.13
C LYS D 65 -1.77 12.84 -23.27
N GLY D 66 -0.93 12.37 -24.19
CA GLY D 66 -0.68 10.94 -24.42
C GLY D 66 -0.17 10.28 -23.14
N LYS D 67 0.84 10.88 -22.52
CA LYS D 67 1.40 10.39 -21.24
C LYS D 67 0.31 10.34 -20.17
N ALA D 68 -0.49 11.41 -20.02
CA ALA D 68 -1.54 11.55 -19.00
C ALA D 68 -2.61 10.47 -19.19
N LEU D 69 -3.04 10.23 -20.43
CA LEU D 69 -4.11 9.23 -20.70
C LEU D 69 -3.58 7.81 -20.48
N ASP D 70 -2.34 7.55 -20.89
CA ASP D 70 -1.66 6.25 -20.67
C ASP D 70 -1.64 5.96 -19.16
N MET D 71 -1.18 6.92 -18.34
CA MET D 71 -1.21 6.77 -16.86
C MET D 71 -2.64 6.52 -16.37
N LEU D 72 -3.63 7.27 -16.87
CA LEU D 72 -5.02 7.14 -16.36
C LEU D 72 -5.55 5.74 -16.72
N GLU D 73 -5.14 5.24 -17.87
CA GLU D 73 -5.58 3.93 -18.38
C GLU D 73 -4.95 2.83 -17.55
N ALA D 74 -3.89 3.13 -16.79
CA ALA D 74 -3.29 2.18 -15.83
C ALA D 74 -4.13 2.10 -14.54
N SER D 75 -4.99 3.08 -14.24
CA SER D 75 -5.72 3.21 -12.95
C SER D 75 -6.58 1.98 -12.63
N PRO D 76 -7.28 1.32 -13.59
CA PRO D 76 -8.11 0.17 -13.21
C PRO D 76 -7.29 -1.08 -12.89
N VAL D 77 -6.11 -1.23 -13.50
CA VAL D 77 -5.21 -2.39 -13.25
C VAL D 77 -4.57 -2.24 -11.87
N LEU D 78 -4.01 -1.07 -11.57
CA LEU D 78 -3.26 -0.85 -10.31
C LEU D 78 -4.25 -0.53 -9.19
N GLY D 79 -5.51 -0.23 -9.50
CA GLY D 79 -6.57 -0.06 -8.48
C GLY D 79 -6.48 1.29 -7.82
N PHE D 80 -6.32 2.39 -8.56
CA PHE D 80 -6.33 3.75 -7.96
C PHE D 80 -7.40 4.60 -8.64
N ASP D 81 -7.99 5.52 -7.89
CA ASP D 81 -8.88 6.58 -8.43
C ASP D 81 -8.08 7.87 -8.52
N ALA D 82 -7.92 8.40 -9.73
CA ALA D 82 -7.20 9.68 -9.97
C ALA D 82 -7.70 10.29 -11.29
N ASN D 83 -7.70 11.62 -11.38
CA ASN D 83 -7.81 12.34 -12.67
C ASN D 83 -6.38 12.74 -13.03
N ILE D 84 -5.98 12.48 -14.27
CA ILE D 84 -4.69 12.92 -14.85
C ILE D 84 -5.02 13.57 -16.19
N ILE D 85 -4.62 14.81 -16.38
CA ILE D 85 -4.79 15.46 -17.71
C ILE D 85 -3.45 16.04 -18.12
N GLY D 86 -3.24 16.10 -19.43
CA GLY D 86 -2.18 16.83 -20.11
C GLY D 86 -2.70 18.11 -20.71
N THR D 87 -1.91 19.18 -20.65
CA THR D 87 -2.31 20.51 -21.16
C THR D 87 -1.06 21.32 -21.51
N SER D 88 -1.23 22.33 -22.37
CA SER D 88 -0.30 23.47 -22.55
C SER D 88 -0.96 24.74 -21.99
N ASP D 89 -2.12 24.61 -21.35
CA ASP D 89 -2.92 25.76 -20.87
C ASP D 89 -2.87 25.81 -19.33
N TYR D 90 -2.15 26.79 -18.79
CA TYR D 90 -1.95 26.97 -17.33
C TYR D 90 -3.27 27.29 -16.61
N ALA D 91 -4.35 27.65 -17.32
CA ALA D 91 -5.69 27.87 -16.70
C ALA D 91 -6.20 26.56 -16.10
N ASP D 92 -5.76 25.42 -16.65
CA ASP D 92 -6.10 24.06 -16.15
C ASP D 92 -5.44 23.80 -14.78
N THR D 93 -4.46 24.60 -14.35
CA THR D 93 -3.77 24.45 -13.03
C THR D 93 -4.45 25.25 -11.93
N ALA D 94 -5.58 25.91 -12.22
CA ALA D 94 -6.28 26.85 -11.29
C ALA D 94 -6.56 26.13 -9.97
N ASP D 95 -6.27 26.81 -8.83
CA ASP D 95 -6.56 26.32 -7.45
C ASP D 95 -5.78 25.03 -7.16
N SER D 96 -4.53 24.92 -7.63
CA SER D 96 -3.67 23.77 -7.27
C SER D 96 -3.25 23.99 -5.81
N ASP D 97 -3.32 22.96 -4.98
CA ASP D 97 -2.76 22.95 -3.60
C ASP D 97 -1.22 22.99 -3.67
N ILE D 98 -0.64 22.22 -4.59
CA ILE D 98 0.82 22.04 -4.74
C ILE D 98 1.14 22.15 -6.22
N VAL D 99 2.19 22.89 -6.57
CA VAL D 99 2.73 22.97 -7.96
C VAL D 99 4.18 22.50 -7.88
N VAL D 100 4.49 21.47 -8.66
CA VAL D 100 5.85 20.89 -8.70
C VAL D 100 6.49 21.34 -10.01
N ILE D 101 7.63 22.02 -9.95
CA ILE D 101 8.30 22.57 -11.16
C ILE D 101 9.50 21.70 -11.55
N THR D 102 9.38 21.02 -12.70
CA THR D 102 10.47 20.25 -13.35
C THR D 102 10.81 20.85 -14.72
N ALA D 103 10.21 21.99 -15.08
CA ALA D 103 10.47 22.67 -16.39
C ALA D 103 11.92 23.10 -16.44
N GLY D 104 12.63 22.69 -17.49
CA GLY D 104 13.88 23.33 -17.94
C GLY D 104 14.71 22.43 -18.84
N ILE D 105 15.92 22.90 -19.15
CA ILE D 105 17.03 22.13 -19.81
C ILE D 105 17.72 21.24 -18.77
N ALA D 106 18.02 19.98 -19.16
CA ALA D 106 18.77 18.98 -18.35
C ALA D 106 20.18 18.88 -18.91
N ARG D 107 21.10 18.32 -18.14
CA ARG D 107 22.54 18.24 -18.50
C ARG D 107 22.85 16.96 -19.30
N LYS D 108 23.97 17.01 -20.02
CA LYS D 108 24.60 15.88 -20.76
C LYS D 108 25.98 15.65 -20.14
N PRO D 109 26.66 14.52 -20.40
CA PRO D 109 27.96 14.27 -19.74
C PRO D 109 28.93 15.45 -19.88
N GLY D 110 29.67 15.75 -18.82
CA GLY D 110 30.73 16.78 -18.78
C GLY D 110 30.22 18.11 -18.24
N MET D 111 28.90 18.32 -18.25
CA MET D 111 28.27 19.58 -17.78
C MET D 111 28.19 19.58 -16.23
N SER D 112 28.43 20.75 -15.63
CA SER D 112 27.97 21.13 -14.28
C SER D 112 26.48 21.51 -14.36
N ARG D 113 25.76 21.33 -13.24
CA ARG D 113 24.35 21.82 -13.07
C ARG D 113 24.33 23.36 -13.21
N ASP D 114 25.43 24.02 -12.84
CA ASP D 114 25.59 25.50 -12.93
C ASP D 114 25.60 25.96 -14.40
N ASP D 115 25.86 25.07 -15.38
CA ASP D 115 25.95 25.47 -16.83
C ASP D 115 24.55 25.83 -17.38
N LEU D 116 23.44 25.62 -16.63
CA LEU D 116 22.04 25.75 -17.12
C LEU D 116 21.40 27.09 -16.67
N VAL D 117 22.10 27.94 -15.90
CA VAL D 117 21.48 29.05 -15.11
C VAL D 117 20.65 29.99 -15.99
N THR D 118 21.20 30.38 -17.13
CA THR D 118 20.67 31.54 -17.89
C THR D 118 19.34 31.14 -18.56
N THR D 119 19.32 29.97 -19.20
CA THR D 119 18.12 29.43 -19.89
C THR D 119 17.05 29.14 -18.82
N ASN D 120 17.44 28.49 -17.72
CA ASN D 120 16.46 28.00 -16.70
C ASN D 120 15.88 29.16 -15.90
N GLN D 121 16.64 30.22 -15.63
CA GLN D 121 16.11 31.38 -14.87
C GLN D 121 14.91 31.98 -15.62
N LYS D 122 15.04 32.14 -16.95
CA LYS D 122 13.98 32.68 -17.84
C LYS D 122 12.77 31.75 -17.80
N ILE D 123 13.00 30.43 -17.78
CA ILE D 123 11.89 29.44 -17.76
C ILE D 123 11.20 29.56 -16.40
N MET D 124 11.96 29.69 -15.31
CA MET D 124 11.38 29.82 -13.95
C MET D 124 10.49 31.08 -13.86
N LYS D 125 10.98 32.23 -14.34
CA LYS D 125 10.22 33.52 -14.30
C LYS D 125 8.93 33.37 -15.11
N GLN D 126 9.03 32.90 -16.35
CA GLN D 126 7.85 32.65 -17.21
C GLN D 126 6.90 31.65 -16.51
N VAL D 127 7.41 30.59 -15.88
CA VAL D 127 6.53 29.54 -15.27
C VAL D 127 5.88 30.08 -14.00
N THR D 128 6.66 30.65 -13.11
CA THR D 128 6.15 31.17 -11.81
C THR D 128 5.01 32.17 -12.04
N LYS D 129 5.17 33.05 -13.04
CA LYS D 129 4.20 34.13 -13.37
C LYS D 129 2.84 33.48 -13.64
N GLU D 130 2.81 32.43 -14.47
CA GLU D 130 1.54 31.74 -14.83
C GLU D 130 1.02 30.93 -13.62
N VAL D 131 1.89 30.25 -12.87
CA VAL D 131 1.47 29.43 -11.69
C VAL D 131 0.77 30.33 -10.66
N VAL D 132 1.33 31.50 -10.33
CA VAL D 132 0.80 32.32 -9.21
C VAL D 132 -0.48 33.03 -9.68
N LYS D 133 -0.65 33.25 -10.98
CA LYS D 133 -1.88 33.80 -11.57
C LYS D 133 -3.08 32.89 -11.30
N TYR D 134 -2.93 31.56 -11.44
CA TYR D 134 -4.06 30.60 -11.36
C TYR D 134 -4.17 29.92 -9.98
N SER D 135 -3.11 29.97 -9.16
CA SER D 135 -3.05 29.30 -7.82
C SER D 135 -2.30 30.19 -6.84
N PRO D 136 -2.84 31.37 -6.45
CA PRO D 136 -2.09 32.32 -5.62
C PRO D 136 -1.79 31.77 -4.22
N ASN D 137 -2.48 30.71 -3.80
CA ASN D 137 -2.38 30.10 -2.45
C ASN D 137 -1.58 28.80 -2.42
N CYS D 138 -0.85 28.43 -3.48
CA CYS D 138 -0.23 27.08 -3.59
C CYS D 138 1.11 27.02 -2.85
N TYR D 139 1.59 25.81 -2.59
CA TYR D 139 2.99 25.51 -2.20
C TYR D 139 3.69 25.14 -3.52
N ILE D 140 4.93 25.59 -3.69
CA ILE D 140 5.74 25.29 -4.90
C ILE D 140 6.96 24.48 -4.46
N ILE D 141 7.15 23.33 -5.11
CA ILE D 141 8.39 22.50 -4.94
C ILE D 141 9.10 22.47 -6.28
N VAL D 142 10.39 22.80 -6.26
CA VAL D 142 11.23 23.02 -7.47
C VAL D 142 12.30 21.93 -7.54
N LEU D 143 12.45 21.32 -8.72
CA LEU D 143 13.57 20.38 -9.04
C LEU D 143 14.58 21.08 -9.97
N THR D 144 14.12 21.99 -10.83
CA THR D 144 14.87 22.53 -12.00
C THR D 144 16.29 22.92 -11.55
N ASN D 145 17.30 22.46 -12.28
CA ASN D 145 18.73 22.79 -11.98
C ASN D 145 19.14 24.13 -12.60
N PRO D 146 20.10 24.88 -12.00
CA PRO D 146 20.67 24.59 -10.67
C PRO D 146 19.75 24.99 -9.51
N VAL D 147 19.36 24.05 -8.66
CA VAL D 147 18.06 24.11 -7.93
C VAL D 147 18.08 25.17 -6.81
N ASP D 148 19.22 25.38 -6.15
CA ASP D 148 19.33 26.45 -5.11
C ASP D 148 18.97 27.81 -5.77
N ALA D 149 19.58 28.12 -6.92
CA ALA D 149 19.37 29.39 -7.65
C ALA D 149 18.00 29.46 -8.31
N MET D 150 17.52 28.34 -8.87
CA MET D 150 16.16 28.30 -9.51
C MET D 150 15.05 28.39 -8.44
N THR D 151 15.24 27.84 -7.24
CA THR D 151 14.22 27.92 -6.16
C THR D 151 14.18 29.39 -5.68
N TYR D 152 15.36 29.99 -5.52
CA TYR D 152 15.52 31.46 -5.25
C TYR D 152 14.73 32.27 -6.28
N THR D 153 14.90 31.99 -7.57
CA THR D 153 14.22 32.75 -8.67
C THR D 153 12.70 32.62 -8.51
N VAL D 154 12.21 31.40 -8.24
CA VAL D 154 10.75 31.15 -8.12
C VAL D 154 10.25 31.93 -6.91
N PHE D 155 11.04 31.92 -5.83
CA PHE D 155 10.66 32.61 -4.57
C PHE D 155 10.38 34.08 -4.88
N LYS D 156 11.39 34.80 -5.38
CA LYS D 156 11.36 36.27 -5.67
C LYS D 156 10.26 36.58 -6.68
N GLU D 157 10.15 35.81 -7.77
CA GLU D 157 9.13 36.07 -8.81
C GLU D 157 7.74 35.83 -8.21
N SER D 158 7.61 34.85 -7.32
CA SER D 158 6.30 34.39 -6.80
C SER D 158 5.64 35.51 -5.99
N GLY D 159 6.44 36.25 -5.22
CA GLY D 159 5.95 37.14 -4.15
C GLY D 159 5.43 36.34 -2.96
N PHE D 160 5.61 35.00 -2.92
CA PHE D 160 5.10 34.15 -1.81
C PHE D 160 5.97 34.31 -0.56
N PRO D 161 5.44 34.08 0.66
CA PRO D 161 6.30 33.89 1.82
C PRO D 161 7.17 32.64 1.65
N LYS D 162 8.32 32.61 2.34
CA LYS D 162 9.39 31.58 2.19
C LYS D 162 8.88 30.17 2.55
N ASN D 163 7.88 30.04 3.42
CA ASN D 163 7.39 28.70 3.86
C ASN D 163 6.78 27.99 2.65
N ARG D 164 6.38 28.74 1.62
CA ARG D 164 5.58 28.23 0.48
C ARG D 164 6.44 27.94 -0.76
N VAL D 165 7.74 28.23 -0.74
CA VAL D 165 8.60 27.91 -1.93
C VAL D 165 9.78 27.08 -1.43
N ILE D 166 9.87 25.84 -1.94
CA ILE D 166 10.79 24.79 -1.43
C ILE D 166 11.50 24.15 -2.62
N GLY D 167 12.79 23.83 -2.45
CA GLY D 167 13.56 23.05 -3.42
C GLY D 167 13.82 21.64 -2.91
N GLN D 168 13.92 20.69 -3.83
CA GLN D 168 14.33 19.29 -3.58
C GLN D 168 15.82 19.22 -3.89
N SER D 169 16.62 18.63 -3.01
CA SER D 169 18.00 18.20 -3.31
C SER D 169 18.45 17.17 -2.28
N GLY D 170 18.31 17.52 -1.00
CA GLY D 170 18.79 16.67 0.11
C GLY D 170 18.09 15.31 0.16
N VAL D 171 16.80 15.23 -0.15
CA VAL D 171 16.14 13.89 -0.07
C VAL D 171 16.85 12.97 -1.06
N LEU D 172 17.05 13.44 -2.29
CA LEU D 172 17.73 12.66 -3.36
C LEU D 172 19.18 12.35 -2.97
N ASP D 173 19.92 13.31 -2.44
CA ASP D 173 21.35 13.12 -2.08
C ASP D 173 21.47 12.11 -0.93
N THR D 174 20.68 12.25 0.14
CA THR D 174 20.67 11.27 1.25
C THR D 174 20.19 9.91 0.71
N ALA D 175 19.22 9.87 -0.21
CA ALA D 175 18.75 8.61 -0.83
C ALA D 175 19.93 7.87 -1.45
N ARG D 176 20.74 8.57 -2.24
CA ARG D 176 21.87 7.91 -2.94
C ARG D 176 22.85 7.39 -1.88
N PHE D 177 23.22 8.25 -0.92
CA PHE D 177 24.09 7.93 0.25
C PHE D 177 23.60 6.65 0.93
N ARG D 178 22.29 6.56 1.24
CA ARG D 178 21.68 5.40 1.96
C ARG D 178 21.79 4.15 1.10
N THR D 179 21.61 4.29 -0.22
CA THR D 179 21.68 3.13 -1.13
C THR D 179 23.08 2.50 -1.03
N PHE D 180 24.13 3.30 -1.14
CA PHE D 180 25.54 2.87 -1.18
C PHE D 180 25.96 2.28 0.18
N VAL D 181 25.54 2.92 1.26
CA VAL D 181 25.77 2.43 2.65
C VAL D 181 25.06 1.08 2.82
N ALA D 182 23.83 0.93 2.32
CA ALA D 182 23.06 -0.32 2.46
C ALA D 182 23.77 -1.45 1.72
N GLU D 183 24.34 -1.19 0.54
CA GLU D 183 25.10 -2.18 -0.28
C GLU D 183 26.40 -2.53 0.47
N GLU D 184 27.09 -1.55 1.04
CA GLU D 184 28.36 -1.76 1.79
C GLU D 184 28.12 -2.68 2.99
N LEU D 185 27.05 -2.46 3.77
CA LEU D 185 26.78 -3.22 5.02
C LEU D 185 25.84 -4.41 4.80
N ASN D 186 25.26 -4.52 3.60
CA ASN D 186 24.31 -5.60 3.28
C ASN D 186 23.13 -5.57 4.25
N ILE D 187 22.50 -4.40 4.39
CA ILE D 187 21.31 -4.16 5.26
C ILE D 187 20.22 -3.42 4.46
N SER D 188 18.99 -3.44 4.99
CA SER D 188 17.83 -2.68 4.45
C SER D 188 18.16 -1.19 4.43
N VAL D 189 17.78 -0.50 3.36
CA VAL D 189 17.92 0.98 3.24
C VAL D 189 17.06 1.61 4.34
N LYS D 190 16.04 0.90 4.83
CA LYS D 190 15.12 1.45 5.88
C LYS D 190 15.90 1.78 7.15
N ASP D 191 17.02 1.11 7.43
CA ASP D 191 17.74 1.28 8.73
C ASP D 191 19.01 2.10 8.53
N VAL D 192 19.23 2.64 7.33
CA VAL D 192 20.36 3.56 7.06
C VAL D 192 19.82 4.99 7.06
N THR D 193 20.48 5.90 7.78
CA THR D 193 20.13 7.35 7.81
C THR D 193 21.34 8.16 7.35
N GLY D 194 21.09 9.20 6.56
CA GLY D 194 22.12 10.12 6.04
C GLY D 194 21.79 11.55 6.43
N PHE D 195 22.68 12.48 6.13
CA PHE D 195 22.53 13.89 6.48
C PHE D 195 23.36 14.72 5.50
N VAL D 196 22.71 15.34 4.53
CA VAL D 196 23.40 16.21 3.54
C VAL D 196 22.83 17.62 3.69
N LEU D 197 23.77 18.55 3.87
CA LEU D 197 23.55 20.00 3.85
C LEU D 197 24.26 20.53 2.62
N GLY D 198 23.92 21.75 2.24
CA GLY D 198 24.66 22.56 1.25
C GLY D 198 23.95 22.51 -0.06
N GLY D 199 24.51 23.20 -1.05
CA GLY D 199 24.05 23.23 -2.44
C GLY D 199 23.90 21.83 -3.03
N HIS D 200 23.09 21.70 -4.08
CA HIS D 200 23.01 20.47 -4.90
C HIS D 200 24.12 20.55 -5.96
N GLY D 201 25.35 20.31 -5.52
CA GLY D 201 26.56 20.41 -6.35
C GLY D 201 27.61 19.44 -5.87
N ASP D 202 28.81 19.52 -6.44
CA ASP D 202 29.98 18.66 -6.11
C ASP D 202 30.48 19.05 -4.71
N ASP D 203 30.13 20.24 -4.20
CA ASP D 203 30.49 20.74 -2.83
C ASP D 203 29.39 20.46 -1.77
N MET D 204 28.35 19.67 -2.06
CA MET D 204 27.49 19.02 -1.03
C MET D 204 28.31 18.71 0.23
N VAL D 205 27.70 18.77 1.42
CA VAL D 205 28.38 18.49 2.72
C VAL D 205 27.68 17.33 3.40
N PRO D 206 27.98 16.06 3.03
CA PRO D 206 27.42 14.89 3.71
C PRO D 206 28.07 14.77 5.08
N LEU D 207 27.26 14.86 6.14
CA LEU D 207 27.72 14.83 7.56
C LEU D 207 27.75 13.38 8.02
N VAL D 208 28.89 12.70 7.88
CA VAL D 208 29.06 11.26 8.26
C VAL D 208 28.80 11.05 9.76
N ARG D 209 28.99 12.08 10.58
CA ARG D 209 28.82 12.11 12.06
C ARG D 209 27.33 11.91 12.40
N TYR D 210 26.43 12.48 11.59
CA TYR D 210 24.95 12.36 11.73
C TYR D 210 24.42 11.26 10.82
N SER D 211 25.23 10.25 10.48
CA SER D 211 24.84 9.15 9.56
C SER D 211 25.03 7.81 10.26
N TYR D 212 24.03 6.94 10.19
CA TYR D 212 23.86 5.77 11.10
C TYR D 212 23.33 4.53 10.36
N ALA D 213 23.69 3.35 10.88
CA ALA D 213 23.03 2.05 10.60
C ALA D 213 22.35 1.55 11.89
N GLY D 214 21.04 1.35 11.86
CA GLY D 214 20.18 1.17 13.05
C GLY D 214 20.60 2.05 14.23
N GLY D 215 20.95 3.31 13.98
CA GLY D 215 21.30 4.28 15.03
C GLY D 215 22.78 4.28 15.42
N ILE D 216 23.59 3.38 14.85
CA ILE D 216 25.05 3.23 15.17
C ILE D 216 25.84 4.13 14.22
N PRO D 217 26.70 5.05 14.74
CA PRO D 217 27.48 5.94 13.87
C PRO D 217 28.23 5.14 12.81
N LEU D 218 28.10 5.52 11.54
CA LEU D 218 28.70 4.77 10.40
C LEU D 218 30.24 4.75 10.51
N GLU D 219 30.85 5.78 11.12
CA GLU D 219 32.32 5.83 11.33
C GLU D 219 32.81 4.63 12.17
N LYS D 220 31.96 4.06 13.04
CA LYS D 220 32.24 2.83 13.84
C LYS D 220 32.08 1.54 12.99
N LEU D 221 31.42 1.60 11.83
CA LEU D 221 31.03 0.38 11.06
C LEU D 221 31.78 0.29 9.73
N ILE D 222 32.22 1.43 9.17
CA ILE D 222 32.82 1.47 7.81
C ILE D 222 34.20 2.11 7.93
N PRO D 223 35.28 1.46 7.47
CA PRO D 223 36.61 2.09 7.45
C PRO D 223 36.56 3.39 6.64
N LYS D 224 37.37 4.36 7.05
CA LYS D 224 37.49 5.73 6.49
C LYS D 224 37.63 5.69 4.97
N ASP D 225 38.49 4.84 4.41
CA ASP D 225 38.75 4.84 2.94
C ASP D 225 37.42 4.54 2.19
N ARG D 226 36.70 3.51 2.61
CA ARG D 226 35.43 3.05 1.96
C ARG D 226 34.34 4.08 2.22
N LEU D 227 34.31 4.65 3.43
CA LEU D 227 33.31 5.67 3.83
C LEU D 227 33.55 6.93 2.99
N ASP D 228 34.82 7.36 2.85
CA ASP D 228 35.22 8.51 2.00
C ASP D 228 34.76 8.28 0.57
N ALA D 229 34.96 7.07 0.02
CA ALA D 229 34.53 6.69 -1.36
C ALA D 229 33.01 6.80 -1.48
N ILE D 230 32.27 6.44 -0.43
CA ILE D 230 30.78 6.52 -0.42
C ILE D 230 30.38 8.01 -0.43
N VAL D 231 31.10 8.85 0.31
CA VAL D 231 30.80 10.32 0.39
C VAL D 231 31.04 10.92 -1.00
N GLU D 232 32.19 10.61 -1.61
CA GLU D 232 32.54 11.04 -2.99
C GLU D 232 31.48 10.48 -3.96
N ARG D 233 31.05 9.22 -3.85
CA ARG D 233 30.09 8.65 -4.84
C ARG D 233 28.74 9.39 -4.71
N THR D 234 28.40 9.85 -3.52
CA THR D 234 27.19 10.66 -3.28
C THR D 234 27.29 11.99 -4.02
N ARG D 235 28.43 12.67 -3.86
CA ARG D 235 28.72 13.98 -4.50
C ARG D 235 28.56 13.84 -6.01
N LYS D 236 29.03 12.73 -6.59
CA LYS D 236 29.08 12.54 -8.07
C LYS D 236 27.88 11.72 -8.58
N GLY D 237 26.87 11.47 -7.72
CA GLY D 237 25.73 10.56 -7.96
C GLY D 237 24.89 10.94 -9.18
N GLY D 238 24.50 12.20 -9.31
CA GLY D 238 23.79 12.71 -10.50
C GLY D 238 24.63 12.49 -11.76
N GLY D 239 25.92 12.83 -11.70
CA GLY D 239 26.89 12.62 -12.79
C GLY D 239 27.00 11.16 -13.17
N GLU D 240 27.06 10.24 -12.20
CA GLU D 240 27.13 8.78 -12.47
C GLU D 240 25.95 8.34 -13.36
N ILE D 241 24.71 8.80 -13.05
CA ILE D 241 23.50 8.40 -13.83
C ILE D 241 23.58 9.04 -15.24
N VAL D 242 23.93 10.33 -15.32
CA VAL D 242 24.15 11.04 -16.61
C VAL D 242 25.13 10.22 -17.48
N ASN D 243 26.26 9.80 -16.92
CA ASN D 243 27.32 9.12 -17.72
C ASN D 243 26.78 7.78 -18.19
N LEU D 244 26.04 7.05 -17.36
CA LEU D 244 25.45 5.75 -17.78
C LEU D 244 24.38 5.99 -18.85
N LEU D 245 23.45 6.91 -18.65
CA LEU D 245 22.32 7.07 -19.59
C LEU D 245 22.85 7.57 -20.95
N GLY D 246 23.80 8.53 -20.95
CA GLY D 246 24.44 9.05 -22.16
C GLY D 246 23.68 10.21 -22.78
N ASN D 247 22.36 10.28 -22.60
CA ASN D 247 21.50 11.27 -23.31
C ASN D 247 20.36 11.75 -22.41
N GLY D 248 20.66 12.03 -21.14
CA GLY D 248 19.73 12.71 -20.20
C GLY D 248 20.16 12.49 -18.75
N SER D 249 19.33 12.85 -17.76
CA SER D 249 19.69 12.70 -16.32
C SER D 249 18.65 11.85 -15.55
N ALA D 250 18.92 11.58 -14.28
CA ALA D 250 18.15 10.67 -13.40
C ALA D 250 16.69 11.15 -13.33
N TYR D 251 15.74 10.24 -13.16
CA TYR D 251 14.31 10.61 -13.01
C TYR D 251 13.56 9.76 -11.97
N TYR D 252 13.96 8.52 -11.68
CA TYR D 252 13.21 7.62 -10.77
C TYR D 252 13.36 8.11 -9.32
N ALA D 253 14.60 8.33 -8.89
CA ALA D 253 14.90 8.79 -7.51
C ALA D 253 14.59 10.28 -7.34
N PRO D 254 14.83 11.18 -8.31
CA PRO D 254 14.34 12.56 -8.16
C PRO D 254 12.81 12.62 -8.01
N ALA D 255 12.08 11.87 -8.84
CA ALA D 255 10.61 11.83 -8.80
C ALA D 255 10.14 11.30 -7.43
N ALA D 256 10.73 10.22 -6.96
CA ALA D 256 10.46 9.68 -5.62
C ALA D 256 10.66 10.78 -4.57
N SER D 257 11.74 11.56 -4.70
CA SER D 257 12.15 12.54 -3.69
C SER D 257 11.11 13.65 -3.65
N LEU D 258 10.68 14.11 -4.82
CA LEU D 258 9.58 15.10 -4.93
C LEU D 258 8.31 14.58 -4.26
N VAL D 259 7.93 13.32 -4.51
CA VAL D 259 6.65 12.75 -3.98
C VAL D 259 6.67 12.74 -2.45
N GLU D 260 7.81 12.43 -1.85
CA GLU D 260 7.94 12.34 -0.37
C GLU D 260 7.68 13.75 0.21
N MET D 261 8.19 14.77 -0.46
CA MET D 261 8.03 16.17 0.00
C MET D 261 6.58 16.61 -0.23
N VAL D 262 5.98 16.27 -1.37
CA VAL D 262 4.55 16.60 -1.66
C VAL D 262 3.67 15.97 -0.56
N GLU D 263 3.98 14.72 -0.20
CA GLU D 263 3.17 13.89 0.75
C GLU D 263 3.27 14.46 2.15
N ALA D 264 4.45 14.95 2.56
CA ALA D 264 4.69 15.60 3.87
C ALA D 264 3.78 16.83 4.06
N ILE D 265 3.55 17.56 2.98
CA ILE D 265 2.72 18.80 3.00
C ILE D 265 1.23 18.42 2.98
N LEU D 266 0.78 17.72 1.94
CA LEU D 266 -0.63 17.35 1.69
C LEU D 266 -1.23 16.62 2.90
N LYS D 267 -0.45 15.77 3.56
CA LYS D 267 -0.91 14.94 4.71
C LYS D 267 -0.41 15.57 6.01
N ASP D 268 0.21 16.75 5.94
CA ASP D 268 0.67 17.51 7.13
C ASP D 268 1.43 16.55 8.08
N GLN D 269 2.51 15.95 7.63
CA GLN D 269 3.23 14.88 8.36
C GLN D 269 4.29 15.48 9.30
N ARG D 270 4.71 16.72 9.11
CA ARG D 270 5.81 17.34 9.92
C ARG D 270 7.01 16.36 9.98
N ARG D 271 7.49 16.00 8.80
CA ARG D 271 8.72 15.20 8.63
C ARG D 271 9.92 16.11 8.92
N ILE D 272 11.02 15.57 9.45
CA ILE D 272 12.34 16.25 9.40
C ILE D 272 13.03 15.72 8.15
N LEU D 273 13.23 16.59 7.15
CA LEU D 273 13.74 16.24 5.81
C LEU D 273 14.67 17.36 5.37
N PRO D 274 15.80 17.04 4.69
CA PRO D 274 16.61 18.06 4.05
C PRO D 274 15.82 18.61 2.85
N ALA D 275 15.76 19.94 2.76
CA ALA D 275 15.12 20.70 1.67
C ALA D 275 15.87 22.02 1.43
N ILE D 276 15.74 22.57 0.22
CA ILE D 276 16.31 23.90 -0.14
C ILE D 276 15.35 24.96 0.40
N ALA D 277 15.77 25.69 1.45
CA ALA D 277 14.97 26.73 2.18
C ALA D 277 15.62 28.12 2.13
N TYR D 278 14.81 29.17 2.20
CA TYR D 278 15.27 30.56 2.35
C TYR D 278 15.76 30.78 3.78
N LEU D 279 17.02 31.19 3.94
CA LEU D 279 17.66 31.50 5.25
C LEU D 279 17.48 32.98 5.57
N GLU D 280 17.18 33.27 6.83
CA GLU D 280 17.19 34.62 7.43
C GLU D 280 17.97 34.53 8.76
N GLY D 281 19.22 34.02 8.71
CA GLY D 281 20.19 34.03 9.83
C GLY D 281 20.74 32.66 10.20
N GLU D 282 20.02 31.60 9.87
CA GLU D 282 20.38 30.21 10.25
C GLU D 282 21.75 29.92 9.65
N TYR D 283 22.63 29.25 10.40
CA TYR D 283 24.03 28.89 10.04
C TYR D 283 24.86 30.15 9.78
N GLY D 284 24.31 31.34 10.09
CA GLY D 284 24.99 32.63 9.90
C GLY D 284 24.93 33.08 8.45
N TYR D 285 23.85 32.77 7.72
CA TYR D 285 23.67 33.22 6.31
C TYR D 285 22.26 33.81 6.17
N GLU D 286 22.06 34.69 5.19
CA GLU D 286 20.75 35.35 4.93
C GLU D 286 20.65 35.71 3.45
N GLY D 287 19.44 35.70 2.90
CA GLY D 287 19.14 36.15 1.53
C GLY D 287 19.50 35.12 0.48
N ILE D 288 19.79 33.88 0.87
CA ILE D 288 20.05 32.73 -0.06
C ILE D 288 19.08 31.56 0.23
N TYR D 289 18.81 30.76 -0.80
CA TYR D 289 18.25 29.39 -0.65
C TYR D 289 19.42 28.42 -0.50
N LEU D 290 19.30 27.47 0.42
CA LEU D 290 20.36 26.47 0.71
C LEU D 290 19.73 25.17 1.21
N GLY D 291 20.37 24.04 0.88
CA GLY D 291 20.01 22.71 1.41
C GLY D 291 20.27 22.66 2.89
N VAL D 292 19.21 22.57 3.71
CA VAL D 292 19.32 22.53 5.19
C VAL D 292 18.28 21.56 5.76
N PRO D 293 18.43 21.16 7.03
CA PRO D 293 17.43 20.35 7.71
C PRO D 293 16.20 21.24 7.96
N THR D 294 15.03 20.63 7.84
CA THR D 294 13.73 21.31 7.69
C THR D 294 12.69 20.48 8.44
N ILE D 295 11.68 21.14 9.02
CA ILE D 295 10.37 20.47 9.32
C ILE D 295 9.44 20.82 8.17
N LEU D 296 8.86 19.80 7.55
CA LEU D 296 8.00 19.94 6.35
C LEU D 296 6.60 19.45 6.73
N GLY D 297 5.61 20.33 6.69
CA GLY D 297 4.24 19.99 7.07
C GLY D 297 3.24 20.71 6.21
N GLY D 298 1.99 20.77 6.67
CA GLY D 298 0.87 21.38 5.94
C GLY D 298 1.07 22.86 5.69
N ASN D 299 1.99 23.49 6.41
CA ASN D 299 2.38 24.91 6.21
C ASN D 299 3.69 25.04 5.40
N GLY D 300 4.11 24.00 4.67
CA GLY D 300 5.39 24.01 3.93
C GLY D 300 6.57 23.87 4.87
N ILE D 301 7.61 24.67 4.70
CA ILE D 301 8.78 24.64 5.63
C ILE D 301 8.31 25.30 6.93
N GLU D 302 8.13 24.53 8.00
CA GLU D 302 7.63 25.02 9.30
C GLU D 302 8.80 25.71 10.01
N LYS D 303 10.02 25.21 9.82
CA LYS D 303 11.25 25.87 10.34
C LYS D 303 12.52 25.25 9.72
N VAL D 304 13.61 26.01 9.75
CA VAL D 304 14.97 25.55 9.44
C VAL D 304 15.59 25.13 10.77
N ILE D 305 16.09 23.90 10.87
CA ILE D 305 16.81 23.39 12.07
C ILE D 305 18.30 23.71 11.93
N GLU D 306 18.87 24.34 12.97
CA GLU D 306 20.32 24.66 13.10
C GLU D 306 21.03 23.54 13.87
N LEU D 307 21.88 22.78 13.20
CA LEU D 307 22.80 21.82 13.84
C LEU D 307 23.97 22.57 14.47
N GLU D 308 24.53 22.00 15.56
CA GLU D 308 25.84 22.41 16.12
C GLU D 308 26.90 21.75 15.23
N LEU D 309 27.62 22.55 14.46
CA LEU D 309 28.65 22.06 13.50
C LEU D 309 30.06 22.23 14.10
N THR D 310 30.96 21.26 13.89
CA THR D 310 32.42 21.40 14.12
C THR D 310 32.97 22.47 13.18
N GLU D 311 34.17 23.03 13.46
CA GLU D 311 34.76 24.09 12.61
C GLU D 311 35.09 23.51 11.22
N GLU D 312 35.35 22.21 11.10
CA GLU D 312 35.64 21.55 9.80
C GLU D 312 34.38 21.46 8.95
N GLU D 313 33.25 21.02 9.52
CA GLU D 313 31.90 20.99 8.89
C GLU D 313 31.46 22.41 8.50
N LYS D 314 31.61 23.36 9.43
CA LYS D 314 31.31 24.81 9.23
C LYS D 314 32.06 25.36 8.02
N ALA D 315 33.32 24.92 7.80
CA ALA D 315 34.20 25.34 6.68
C ALA D 315 33.71 24.69 5.39
N ALA D 316 33.45 23.39 5.42
CA ALA D 316 32.87 22.65 4.27
C ALA D 316 31.56 23.34 3.85
N LEU D 317 30.67 23.63 4.80
CA LEU D 317 29.39 24.33 4.51
C LEU D 317 29.68 25.69 3.86
N ALA D 318 30.67 26.44 4.36
CA ALA D 318 31.03 27.80 3.87
C ALA D 318 31.46 27.76 2.39
N LYS D 319 32.27 26.79 1.99
CA LYS D 319 32.61 26.54 0.56
C LYS D 319 31.33 26.29 -0.26
N SER D 320 30.40 25.50 0.30
CA SER D 320 29.12 25.17 -0.39
C SER D 320 28.37 26.47 -0.67
N VAL D 321 28.25 27.34 0.33
CA VAL D 321 27.50 28.64 0.23
C VAL D 321 28.13 29.55 -0.83
N GLU D 322 29.47 29.53 -0.97
CA GLU D 322 30.20 30.38 -1.94
C GLU D 322 29.82 29.94 -3.36
N SER D 323 29.85 28.63 -3.66
CA SER D 323 29.33 28.06 -4.94
C SER D 323 27.91 28.59 -5.20
N VAL D 324 27.04 28.58 -4.18
CA VAL D 324 25.62 28.98 -4.34
C VAL D 324 25.58 30.45 -4.77
N LYS D 325 26.33 31.30 -4.07
CA LYS D 325 26.32 32.76 -4.29
C LYS D 325 26.90 33.07 -5.68
N ASN D 326 27.92 32.31 -6.10
CA ASN D 326 28.55 32.46 -7.45
C ASN D 326 27.47 32.25 -8.52
N VAL D 327 26.75 31.13 -8.42
CA VAL D 327 25.61 30.80 -9.32
C VAL D 327 24.58 31.93 -9.25
N MET D 328 24.28 32.48 -8.08
CA MET D 328 23.26 33.57 -7.92
C MET D 328 23.71 34.89 -8.62
N ARG D 329 25.01 35.14 -8.67
CA ARG D 329 25.60 36.30 -9.42
C ARG D 329 25.35 36.17 -10.93
N MET D 330 25.09 34.96 -11.45
CA MET D 330 24.85 34.72 -12.90
C MET D 330 23.39 34.96 -13.26
N LEU D 331 22.49 35.05 -12.28
CA LEU D 331 21.07 35.43 -12.50
C LEU D 331 21.00 36.88 -13.02
N GLU D 332 20.13 37.16 -13.99
CA GLU D 332 19.76 38.53 -14.45
C GLU D 332 18.82 39.17 -13.40
#